data_7ZZ6
#
_entry.id   7ZZ6
#
_cell.length_a   1.00
_cell.length_b   1.00
_cell.length_c   1.00
_cell.angle_alpha   90.00
_cell.angle_beta   90.00
_cell.angle_gamma   90.00
#
_symmetry.space_group_name_H-M   'P 1'
#
loop_
_entity.id
_entity.type
_entity.pdbx_description
1 polymer 'Pyruvate carboxylase'
2 non-polymer 'MAGNESIUM ION'
3 non-polymer 'MANGANESE (II) ION'
4 non-polymer 'PYRUVIC ACID'
5 water water
#
_entity_poly.entity_id   1
_entity_poly.type   'polypeptide(L)'
_entity_poly.pdbx_seq_one_letter_code
;VPRGSHMKKLLVANRGEIAVRVFRACNELGLSTVAVYAREDEYSVHRFKADESYLIGQGKKPIDAYLDIDDIIRVALESG
ADAIHPGYGLLSENLEFATKVRAAGLVFVGPELHHLDIFGDKIKAKAAADEAKVPGIPGTNGAVDIDGALEFAKTYGYPV
MIKAALGGGGRGMRVARNDAEMHDGYARAKSEAIGAFGSGEIYVEKYIENPKHIEVQILGDRHGNIIHLHERDCSVQRRN
QKVIEIAPAVGLSPDFRNEICEAAVKLCKNVGYVNAGTVEFLVKDDKFYFIEVNPRVQVEHTITELITGVDIVQAQILIA
QGKDLHREIGLPAQSEIPLLGSAIQCRITTEDPQNGFLPDTGKIDTYRSPGGFGIRLDVGNAYAGYEVTPYFDSLLVKVC
TFANEFSDSVRKMDRVLHEFRIRGVKTNIPFLINVIANENFTSGQATTTFIDNTPSLFNFPRLRDRGTKTLHYLSMITVN
GFPGIENTEKRHFEEPRQPLLNLEKKKTAKNILDEQGADAVVDYVKNTKEVLLTDTTLRDAHQSLLATRLRLQDMKGIAQ
AIDQGLPELFSAEMWGGATFDVAYRFLNESPWYRLRKLRKLMPNTMFQMLFRGSNAVGYQNYPDNVIEEFIRVAAHEGID
VFRIFDSLNWLPQMEKSIQAVRDNGKIAEATICYTGDILDPSRPKYNIQYYKDLAKELEATGAHILAV(KCX)DMAGLLK
PQAAYRLISELKDTVDLPIHLHTHDTSGNGIITYSGATQAGVDIIDVATASLAGGTSQPSMQSIYYALEHGPRHASINVK
NAEQIDHYWEDVRKYYAPFEAGITSPQTEVYMHEMPGGQYTNLKSQAAAVGLGHRFDEIKQMYRKVNMMFGDIIKVTPSS
KVVGDMALFMIQNDLTEEDVYARGNELNFPESVVSFFRGDLGQPVGGFPEKLQKIIVKDKAVITDRPGLHAEKVDFETVK
ADLEQKIGYEPGDHEVISYIMYPQVFLDYQKMQREFGAVTLLDTPTFLHGMRLNEKIEVQIEKGKTLSIRLDEIGEPDLA
GNRVLFFNLNGQRREVVINDQSVQAQVVAKRKAETGNPNQIGATMPGSVLEILVKAGDKVQKGQALMVTEAMKMETTIEA
PFDGEIVDLHVVKGEAIQTQDLLIEIN
;
_entity_poly.pdbx_strand_id   D,A
#
# COMPACT_ATOMS: atom_id res chain seq x y z
N HIS A 492 9.44 0.95 26.94
CA HIS A 492 10.86 1.10 26.73
C HIS A 492 11.25 0.87 25.28
N PHE A 493 12.11 1.75 24.75
CA PHE A 493 12.55 1.65 23.37
C PHE A 493 14.06 1.78 23.29
N GLU A 494 14.64 1.08 22.33
CA GLU A 494 16.04 1.30 21.98
C GLU A 494 16.18 2.64 21.26
N GLU A 495 17.42 3.10 21.16
CA GLU A 495 17.69 4.31 20.42
C GLU A 495 17.29 4.10 18.96
N PRO A 496 16.67 5.09 18.32
CA PRO A 496 16.35 4.95 16.90
C PRO A 496 17.61 4.78 16.08
N ARG A 497 17.57 3.87 15.11
CA ARG A 497 18.73 3.63 14.28
C ARG A 497 19.10 4.89 13.52
N GLN A 498 20.37 5.19 13.51
CA GLN A 498 20.95 6.35 12.86
C GLN A 498 21.43 5.97 11.47
N PRO A 499 21.11 6.72 10.44
CA PRO A 499 21.45 6.31 9.07
C PRO A 499 22.95 6.30 8.83
N LEU A 500 23.37 5.36 7.99
CA LEU A 500 24.74 5.28 7.48
C LEU A 500 24.71 5.76 6.04
N LEU A 501 25.00 7.04 5.84
CA LEU A 501 24.81 7.70 4.56
C LEU A 501 26.07 7.66 3.71
N ASN A 502 25.85 7.75 2.40
CA ASN A 502 26.92 7.95 1.43
C ASN A 502 26.71 9.33 0.85
N LEU A 503 27.40 10.32 1.41
CA LEU A 503 27.13 11.71 1.11
C LEU A 503 27.70 12.11 -0.24
N GLU A 504 26.94 12.90 -0.98
CA GLU A 504 27.37 13.51 -2.23
C GLU A 504 27.03 14.98 -2.16
N LYS A 505 28.00 15.83 -2.47
CA LYS A 505 27.78 17.27 -2.46
C LYS A 505 27.18 17.70 -3.80
N LYS A 506 25.95 18.20 -3.76
CA LYS A 506 25.30 18.74 -4.94
C LYS A 506 24.77 20.13 -4.63
N LYS A 507 24.46 20.87 -5.69
CA LYS A 507 23.82 22.16 -5.56
C LYS A 507 22.31 21.97 -5.58
N THR A 508 21.64 22.36 -4.50
CA THR A 508 20.22 22.10 -4.35
C THR A 508 19.39 23.25 -4.87
N ALA A 509 18.08 23.02 -4.94
CA ALA A 509 17.15 24.07 -5.32
C ALA A 509 17.16 25.21 -4.32
N LYS A 510 17.42 24.89 -3.04
CA LYS A 510 17.55 25.93 -2.03
C LYS A 510 18.74 26.84 -2.34
N ASN A 511 19.87 26.26 -2.76
CA ASN A 511 21.02 27.07 -3.11
C ASN A 511 20.73 27.97 -4.30
N ILE A 512 20.03 27.44 -5.31
CA ILE A 512 19.68 28.27 -6.47
C ILE A 512 18.76 29.39 -6.04
N LEU A 513 17.79 29.10 -5.17
CA LEU A 513 16.89 30.15 -4.68
C LEU A 513 17.66 31.23 -3.93
N ASP A 514 18.60 30.82 -3.09
CA ASP A 514 19.35 31.78 -2.30
C ASP A 514 20.27 32.63 -3.16
N GLU A 515 20.82 32.05 -4.23
CA GLU A 515 21.76 32.76 -5.09
C GLU A 515 21.12 33.47 -6.26
N GLN A 516 20.05 32.92 -6.85
CA GLN A 516 19.51 33.46 -8.09
C GLN A 516 18.01 33.68 -8.10
N GLY A 517 17.28 33.36 -7.02
CA GLY A 517 15.87 33.70 -6.93
C GLY A 517 14.95 32.65 -7.51
N ALA A 518 13.65 32.93 -7.40
CA ALA A 518 12.62 31.94 -7.70
C ALA A 518 12.62 31.55 -9.17
N ASP A 519 12.82 32.51 -10.07
CA ASP A 519 12.75 32.20 -11.50
C ASP A 519 13.84 31.22 -11.92
N ALA A 520 15.03 31.36 -11.36
CA ALA A 520 16.10 30.42 -11.68
C ALA A 520 15.77 29.02 -11.16
N VAL A 521 15.13 28.94 -9.99
CA VAL A 521 14.66 27.65 -9.50
C VAL A 521 13.65 27.05 -10.47
N VAL A 522 12.74 27.88 -10.99
CA VAL A 522 11.76 27.40 -11.96
C VAL A 522 12.45 26.86 -13.20
N ASP A 523 13.47 27.57 -13.67
CA ASP A 523 14.21 27.10 -14.84
C ASP A 523 14.90 25.78 -14.54
N TYR A 524 15.49 25.65 -13.35
CA TYR A 524 16.16 24.42 -12.96
C TYR A 524 15.19 23.24 -12.95
N VAL A 525 13.99 23.46 -12.41
CA VAL A 525 12.96 22.41 -12.44
C VAL A 525 12.56 22.12 -13.88
N LYS A 526 12.39 23.17 -14.69
CA LYS A 526 12.05 22.97 -16.09
C LYS A 526 13.13 22.21 -16.83
N ASN A 527 14.38 22.43 -16.47
CA ASN A 527 15.48 21.79 -17.17
C ASN A 527 15.82 20.42 -16.63
N THR A 528 15.19 19.99 -15.54
CA THR A 528 15.47 18.69 -14.97
C THR A 528 14.67 17.62 -15.71
N LYS A 529 15.38 16.64 -16.26
CA LYS A 529 14.75 15.54 -16.98
C LYS A 529 14.08 14.57 -16.02
N GLU A 530 14.72 14.26 -14.91
CA GLU A 530 14.14 13.39 -13.91
C GLU A 530 12.91 14.06 -13.29
N VAL A 531 12.07 13.25 -12.67
CA VAL A 531 11.00 13.79 -11.85
C VAL A 531 11.57 14.11 -10.48
N LEU A 532 11.24 15.28 -9.97
CA LEU A 532 11.74 15.70 -8.66
C LEU A 532 10.76 15.29 -7.56
N LEU A 533 11.29 15.16 -6.35
CA LEU A 533 10.52 14.66 -5.22
C LEU A 533 10.46 15.71 -4.13
N THR A 534 9.28 15.87 -3.54
CA THR A 534 9.07 16.66 -2.34
C THR A 534 8.71 15.72 -1.20
N ASP A 535 9.54 15.68 -0.17
CA ASP A 535 9.28 14.83 0.98
C ASP A 535 8.20 15.46 1.84
N THR A 536 7.11 14.72 2.06
CA THR A 536 6.02 15.16 2.92
C THR A 536 6.11 14.55 4.32
N THR A 537 7.23 13.92 4.66
CA THR A 537 7.34 13.22 5.93
C THR A 537 7.12 14.16 7.11
N LEU A 538 7.66 15.37 7.04
CA LEU A 538 7.60 16.28 8.17
C LEU A 538 6.24 16.94 8.34
N ARG A 539 5.40 17.00 7.30
CA ARG A 539 4.07 17.58 7.45
C ARG A 539 2.96 16.58 7.15
N ASP A 540 2.81 16.18 5.89
CA ASP A 540 1.57 15.53 5.47
C ASP A 540 1.53 14.07 5.88
N ALA A 541 2.68 13.39 5.84
CA ALA A 541 2.72 11.98 6.20
C ALA A 541 2.24 11.74 7.62
N HIS A 542 2.74 12.54 8.57
CA HIS A 542 2.30 12.35 9.94
C HIS A 542 0.99 13.07 10.24
N GLN A 543 0.60 14.05 9.43
CA GLN A 543 -0.75 14.57 9.53
C GLN A 543 -1.77 13.49 9.20
N SER A 544 -1.49 12.70 8.16
CA SER A 544 -2.44 11.67 7.74
C SER A 544 -2.42 10.46 8.65
N LEU A 545 -1.23 10.04 9.10
CA LEU A 545 -1.12 8.77 9.82
C LEU A 545 -1.09 8.91 11.32
N LEU A 546 -0.49 9.98 11.85
CA LEU A 546 -0.27 10.12 13.29
C LEU A 546 -1.03 11.30 13.88
N ALA A 547 -2.09 11.75 13.23
CA ALA A 547 -2.90 12.87 13.71
C ALA A 547 -2.06 14.12 13.91
N THR A 548 -1.03 14.28 13.08
CA THR A 548 -0.15 15.45 13.08
C THR A 548 0.65 15.57 14.36
N ARG A 549 0.76 14.50 15.15
CA ARG A 549 1.36 14.59 16.46
C ARG A 549 2.88 14.46 16.45
N LEU A 550 3.50 14.31 15.29
CA LEU A 550 4.95 14.16 15.23
C LEU A 550 5.63 15.39 15.81
N ARG A 551 6.58 15.17 16.71
CA ARG A 551 7.17 16.23 17.50
C ARG A 551 8.52 16.66 16.95
N LEU A 552 8.88 17.90 17.26
CA LEU A 552 10.17 18.45 16.84
C LEU A 552 11.33 17.61 17.33
N GLN A 553 11.18 17.01 18.51
CA GLN A 553 12.29 16.25 19.09
C GLN A 553 12.68 15.08 18.19
N ASP A 554 11.69 14.38 17.63
CA ASP A 554 11.99 13.29 16.71
C ASP A 554 12.40 13.80 15.34
N MET A 555 11.93 14.98 14.95
CA MET A 555 12.35 15.58 13.70
C MET A 555 13.83 15.90 13.72
N LYS A 556 14.31 16.41 14.86
CA LYS A 556 15.68 16.90 14.99
C LYS A 556 16.70 15.79 14.83
N GLY A 557 16.38 14.58 15.29
CA GLY A 557 17.33 13.50 15.24
C GLY A 557 17.70 13.05 13.85
N ILE A 558 16.92 13.44 12.85
CA ILE A 558 17.12 12.98 11.48
C ILE A 558 17.11 14.12 10.48
N ALA A 559 16.84 15.36 10.90
CA ALA A 559 16.75 16.45 9.95
C ALA A 559 18.04 16.64 9.16
N GLN A 560 19.17 16.64 9.86
CA GLN A 560 20.44 16.84 9.16
C GLN A 560 20.74 15.69 8.23
N ALA A 561 20.42 14.47 8.65
CA ALA A 561 20.60 13.32 7.77
C ALA A 561 19.76 13.46 6.51
N ILE A 562 18.56 14.03 6.63
CA ILE A 562 17.75 14.26 5.43
C ILE A 562 18.37 15.34 4.56
N ASP A 563 18.86 16.40 5.20
CA ASP A 563 19.45 17.52 4.44
C ASP A 563 20.67 17.07 3.65
N GLN A 564 21.53 16.27 4.26
CA GLN A 564 22.79 15.87 3.63
C GLN A 564 22.67 14.60 2.81
N GLY A 565 21.81 13.67 3.21
CA GLY A 565 21.70 12.40 2.53
C GLY A 565 20.77 12.43 1.34
N LEU A 566 19.85 13.39 1.30
CA LEU A 566 18.91 13.52 0.21
C LEU A 566 18.94 14.94 -0.36
N PRO A 567 20.08 15.36 -0.92
CA PRO A 567 20.15 16.71 -1.50
C PRO A 567 19.35 16.84 -2.78
N GLU A 568 18.95 15.74 -3.40
CA GLU A 568 18.19 15.79 -4.63
C GLU A 568 16.76 16.28 -4.45
N LEU A 569 16.25 16.29 -3.22
CA LEU A 569 14.87 16.67 -2.99
C LEU A 569 14.63 18.09 -3.48
N PHE A 570 13.50 18.27 -4.17
CA PHE A 570 13.10 19.63 -4.53
C PHE A 570 12.84 20.46 -3.28
N SER A 571 12.15 19.88 -2.30
CA SER A 571 11.80 20.59 -1.09
C SER A 571 11.31 19.59 -0.06
N ALA A 572 11.23 20.04 1.18
CA ALA A 572 10.66 19.26 2.27
C ALA A 572 9.43 20.01 2.75
N GLU A 573 8.27 19.37 2.68
CA GLU A 573 7.05 19.96 3.21
C GLU A 573 7.06 19.73 4.71
N MET A 574 7.29 20.79 5.47
CA MET A 574 7.52 20.68 6.89
C MET A 574 6.64 21.62 7.70
N TRP A 575 5.75 22.37 7.06
CA TRP A 575 4.99 23.39 7.75
C TRP A 575 3.61 23.50 7.13
N GLY A 576 2.74 24.23 7.79
CA GLY A 576 1.41 24.46 7.31
C GLY A 576 0.48 23.31 7.60
N GLY A 577 -0.67 23.36 6.94
CA GLY A 577 -1.68 22.36 7.21
C GLY A 577 -2.15 22.44 8.65
N ALA A 578 -2.42 21.28 9.23
CA ALA A 578 -2.82 21.20 10.63
C ALA A 578 -1.65 21.31 11.59
N THR A 579 -0.40 21.34 11.09
CA THR A 579 0.75 21.35 11.98
C THR A 579 0.78 22.60 12.85
N PHE A 580 0.44 23.74 12.27
CA PHE A 580 0.50 25.00 13.01
C PHE A 580 -0.39 24.96 14.24
N ASP A 581 -1.64 24.57 14.06
CA ASP A 581 -2.58 24.52 15.18
C ASP A 581 -2.24 23.38 16.13
N VAL A 582 -1.88 22.22 15.59
CA VAL A 582 -1.67 21.04 16.42
C VAL A 582 -0.47 21.25 17.33
N ALA A 583 0.62 21.82 16.80
CA ALA A 583 1.79 22.07 17.62
C ALA A 583 1.43 22.82 18.90
N TYR A 584 0.90 24.03 18.74
CA TYR A 584 0.41 24.81 19.88
C TYR A 584 -0.52 23.99 20.77
N ARG A 585 -1.64 23.52 20.20
CA ARG A 585 -2.73 22.99 21.01
C ARG A 585 -2.35 21.72 21.75
N PHE A 586 -1.79 20.73 21.05
CA PHE A 586 -1.58 19.42 21.61
C PHE A 586 -0.13 19.10 21.94
N LEU A 587 0.83 19.64 21.18
CA LEU A 587 2.22 19.32 21.46
C LEU A 587 2.87 20.33 22.38
N ASN A 588 2.25 21.49 22.56
CA ASN A 588 2.79 22.56 23.40
C ASN A 588 4.20 22.93 22.97
N GLU A 589 4.42 22.98 21.67
CA GLU A 589 5.62 23.54 21.09
C GLU A 589 5.22 24.53 20.01
N SER A 590 6.03 25.56 19.85
CA SER A 590 5.70 26.61 18.89
C SER A 590 6.06 26.15 17.49
N PRO A 591 5.14 26.28 16.52
CA PRO A 591 5.52 26.01 15.13
C PRO A 591 6.65 26.89 14.65
N TRP A 592 6.73 28.13 15.14
CA TRP A 592 7.86 28.99 14.79
C TRP A 592 9.17 28.42 15.31
N TYR A 593 9.16 27.90 16.54
CA TYR A 593 10.37 27.29 17.09
C TYR A 593 10.78 26.07 16.27
N ARG A 594 9.81 25.23 15.89
CA ARG A 594 10.11 24.09 15.04
C ARG A 594 10.73 24.56 13.73
N LEU A 595 10.15 25.59 13.11
CA LEU A 595 10.67 26.07 11.84
C LEU A 595 12.10 26.58 11.99
N ARG A 596 12.38 27.33 13.06
CA ARG A 596 13.73 27.85 13.25
C ARG A 596 14.74 26.73 13.46
N LYS A 597 14.39 25.77 14.31
CA LYS A 597 15.31 24.67 14.57
C LYS A 597 15.58 23.85 13.32
N LEU A 598 14.52 23.50 12.58
CA LEU A 598 14.71 22.73 11.36
C LEU A 598 15.48 23.53 10.32
N ARG A 599 15.21 24.82 10.22
CA ARG A 599 15.91 25.66 9.25
C ARG A 599 17.41 25.65 9.52
N LYS A 600 17.79 25.78 10.79
CA LYS A 600 19.20 25.67 11.15
C LYS A 600 19.77 24.30 10.81
N LEU A 601 19.03 23.25 11.15
CA LEU A 601 19.52 21.90 10.93
C LEU A 601 19.56 21.52 9.45
N MET A 602 18.85 22.25 8.60
CA MET A 602 18.60 21.84 7.21
C MET A 602 18.91 23.00 6.27
N PRO A 603 20.15 23.47 6.23
CA PRO A 603 20.45 24.70 5.48
C PRO A 603 20.24 24.58 3.99
N ASN A 604 20.41 23.39 3.42
CA ASN A 604 20.38 23.22 1.97
C ASN A 604 19.08 22.59 1.48
N THR A 605 18.06 22.51 2.31
CA THR A 605 16.78 21.92 1.93
C THR A 605 15.75 23.03 1.81
N MET A 606 15.05 23.05 0.69
CA MET A 606 14.01 24.05 0.50
C MET A 606 12.80 23.68 1.34
N PHE A 607 12.29 24.63 2.11
CA PHE A 607 11.20 24.39 3.05
C PHE A 607 9.89 24.82 2.40
N GLN A 608 8.94 23.89 2.36
CA GLN A 608 7.66 24.12 1.72
C GLN A 608 6.57 24.10 2.77
N MET A 609 5.62 25.01 2.63
CA MET A 609 4.49 25.10 3.53
C MET A 609 3.18 25.04 2.76
N LEU A 610 2.21 24.33 3.32
CA LEU A 610 0.85 24.39 2.83
C LEU A 610 0.21 25.66 3.39
N PHE A 611 -0.31 26.49 2.50
CA PHE A 611 -0.87 27.79 2.85
C PHE A 611 -2.28 27.84 2.27
N ARG A 612 -3.26 28.12 3.12
CA ARG A 612 -4.66 27.98 2.76
C ARG A 612 -5.24 29.26 2.18
N GLY A 613 -4.43 30.06 1.50
CA GLY A 613 -4.91 31.22 0.78
C GLY A 613 -5.35 32.35 1.68
N SER A 614 -6.64 32.59 1.73
CA SER A 614 -7.19 33.69 2.51
C SER A 614 -7.18 33.43 4.01
N ASN A 615 -7.24 32.17 4.43
CA ASN A 615 -7.14 31.79 5.84
C ASN A 615 -5.85 30.99 6.01
N ALA A 616 -4.74 31.69 6.25
CA ALA A 616 -3.39 31.16 6.12
C ALA A 616 -3.22 29.75 6.69
N VAL A 617 -3.30 29.61 8.01
CA VAL A 617 -3.23 28.30 8.63
C VAL A 617 -4.42 28.15 9.56
N GLY A 618 -5.37 29.07 9.45
CA GLY A 618 -6.60 29.01 10.21
C GLY A 618 -7.68 28.27 9.45
N TYR A 619 -8.92 28.45 9.92
CA TYR A 619 -10.09 27.88 9.26
C TYR A 619 -11.09 28.95 8.85
N GLN A 620 -10.73 30.22 9.03
CA GLN A 620 -11.63 31.33 8.77
C GLN A 620 -10.84 32.47 8.15
N ASN A 621 -11.49 33.24 7.29
CA ASN A 621 -10.82 34.29 6.54
C ASN A 621 -10.25 35.35 7.48
N TYR A 622 -9.08 35.87 7.13
CA TYR A 622 -8.44 36.97 7.82
C TYR A 622 -8.27 38.17 6.89
N PRO A 623 -8.13 39.37 7.42
CA PRO A 623 -7.89 40.53 6.57
C PRO A 623 -6.60 40.41 5.79
N ASP A 624 -6.53 41.14 4.69
CA ASP A 624 -5.43 40.97 3.73
C ASP A 624 -4.08 41.27 4.37
N ASN A 625 -4.00 42.33 5.17
CA ASN A 625 -2.72 42.69 5.76
C ASN A 625 -2.23 41.62 6.72
N VAL A 626 -3.15 40.94 7.40
CA VAL A 626 -2.76 39.84 8.28
C VAL A 626 -2.10 38.73 7.47
N ILE A 627 -2.70 38.37 6.33
CA ILE A 627 -2.15 37.33 5.48
C ILE A 627 -0.78 37.75 4.96
N GLU A 628 -0.65 39.00 4.53
CA GLU A 628 0.63 39.46 4.02
C GLU A 628 1.69 39.45 5.10
N GLU A 629 1.34 39.84 6.32
CA GLU A 629 2.30 39.82 7.41
C GLU A 629 2.71 38.40 7.77
N PHE A 630 1.74 37.47 7.80
CA PHE A 630 2.09 36.08 8.03
C PHE A 630 3.07 35.60 6.99
N ILE A 631 2.80 35.90 5.72
CA ILE A 631 3.69 35.45 4.65
C ILE A 631 5.07 36.05 4.82
N ARG A 632 5.13 37.33 5.18
CA ARG A 632 6.42 37.99 5.37
C ARG A 632 7.22 37.30 6.46
N VAL A 633 6.58 36.99 7.59
CA VAL A 633 7.30 36.37 8.70
C VAL A 633 7.67 34.93 8.34
N ALA A 634 6.78 34.20 7.69
CA ALA A 634 7.07 32.82 7.31
C ALA A 634 8.23 32.76 6.34
N ALA A 635 8.28 33.67 5.36
CA ALA A 635 9.38 33.70 4.42
C ALA A 635 10.67 34.14 5.09
N HIS A 636 10.59 35.08 6.03
CA HIS A 636 11.77 35.53 6.74
C HIS A 636 12.34 34.44 7.62
N GLU A 637 11.49 33.63 8.24
CA GLU A 637 11.95 32.57 9.12
C GLU A 637 12.35 31.31 8.37
N GLY A 638 12.19 31.27 7.06
CA GLY A 638 12.78 30.17 6.31
C GLY A 638 11.86 29.35 5.43
N ILE A 639 10.60 29.71 5.31
CA ILE A 639 9.74 29.03 4.34
C ILE A 639 10.12 29.52 2.96
N ASP A 640 10.47 28.60 2.07
CA ASP A 640 10.91 28.93 0.74
C ASP A 640 9.85 28.73 -0.32
N VAL A 641 8.94 27.78 -0.14
CA VAL A 641 7.91 27.47 -1.11
C VAL A 641 6.56 27.55 -0.41
N PHE A 642 5.62 28.26 -1.02
CA PHE A 642 4.27 28.40 -0.48
C PHE A 642 3.31 27.73 -1.45
N ARG A 643 2.81 26.56 -1.07
CA ARG A 643 1.74 25.91 -1.82
C ARG A 643 0.44 26.56 -1.40
N ILE A 644 -0.02 27.52 -2.20
CA ILE A 644 -1.19 28.32 -1.89
C ILE A 644 -2.40 27.68 -2.54
N PHE A 645 -3.40 27.34 -1.73
CA PHE A 645 -4.63 26.77 -2.26
C PHE A 645 -5.83 27.42 -1.60
N ASP A 646 -6.94 27.39 -2.32
CA ASP A 646 -8.24 27.78 -1.79
C ASP A 646 -9.16 26.57 -1.82
N SER A 647 -9.93 26.42 -0.74
CA SER A 647 -10.73 25.21 -0.59
C SER A 647 -11.87 25.10 -1.60
N LEU A 648 -12.16 26.16 -2.35
CA LEU A 648 -13.15 26.10 -3.41
C LEU A 648 -12.56 26.42 -4.78
N ASN A 649 -11.23 26.37 -4.90
CA ASN A 649 -10.52 26.69 -6.14
C ASN A 649 -10.90 28.08 -6.67
N TRP A 650 -11.15 29.00 -5.75
CA TRP A 650 -11.59 30.35 -6.10
C TRP A 650 -10.37 31.27 -6.13
N LEU A 651 -9.98 31.68 -7.33
CA LEU A 651 -8.74 32.44 -7.52
C LEU A 651 -8.67 33.76 -6.74
N PRO A 652 -9.74 34.53 -6.58
CA PRO A 652 -9.63 35.76 -5.78
C PRO A 652 -9.13 35.54 -4.38
N GLN A 653 -9.37 34.37 -3.78
CA GLN A 653 -8.85 34.08 -2.45
C GLN A 653 -7.37 33.74 -2.46
N MET A 654 -6.78 33.54 -3.63
CA MET A 654 -5.37 33.18 -3.72
C MET A 654 -4.49 34.29 -4.27
N GLU A 655 -5.07 35.27 -4.98
CA GLU A 655 -4.25 36.26 -5.67
C GLU A 655 -3.34 37.03 -4.72
N LYS A 656 -3.89 37.52 -3.61
CA LYS A 656 -3.11 38.34 -2.70
C LYS A 656 -1.96 37.56 -2.08
N SER A 657 -2.22 36.31 -1.68
CA SER A 657 -1.15 35.50 -1.12
C SER A 657 -0.06 35.22 -2.14
N ILE A 658 -0.45 34.94 -3.40
CA ILE A 658 0.55 34.69 -4.43
C ILE A 658 1.42 35.93 -4.61
N GLN A 659 0.79 37.09 -4.65
CA GLN A 659 1.54 38.33 -4.82
C GLN A 659 2.48 38.58 -3.65
N ALA A 660 2.02 38.34 -2.42
CA ALA A 660 2.88 38.53 -1.27
C ALA A 660 4.08 37.60 -1.30
N VAL A 661 3.85 36.33 -1.63
CA VAL A 661 4.94 35.38 -1.72
C VAL A 661 5.97 35.85 -2.73
N ARG A 662 5.52 36.31 -3.90
CA ARG A 662 6.44 36.81 -4.91
C ARG A 662 7.19 38.03 -4.40
N ASP A 663 6.50 38.93 -3.69
CA ASP A 663 7.15 40.14 -3.22
C ASP A 663 8.20 39.84 -2.16
N ASN A 664 8.08 38.72 -1.46
CA ASN A 664 9.08 38.32 -0.49
C ASN A 664 10.21 37.49 -1.09
N GLY A 665 10.30 37.45 -2.42
CA GLY A 665 11.36 36.71 -3.08
C GLY A 665 11.33 35.22 -2.86
N LYS A 666 10.14 34.63 -2.73
CA LYS A 666 9.99 33.20 -2.52
C LYS A 666 9.25 32.58 -3.70
N ILE A 667 9.04 31.28 -3.62
CA ILE A 667 8.41 30.54 -4.71
C ILE A 667 6.93 30.36 -4.40
N ALA A 668 6.09 30.82 -5.32
CA ALA A 668 4.65 30.72 -5.18
C ALA A 668 4.16 29.51 -5.97
N GLU A 669 3.50 28.61 -5.27
CA GLU A 669 2.85 27.45 -5.87
C GLU A 669 1.35 27.72 -5.80
N ALA A 670 0.73 27.90 -6.96
CA ALA A 670 -0.71 28.08 -7.04
C ALA A 670 -1.34 26.72 -7.27
N THR A 671 -2.32 26.38 -6.44
CA THR A 671 -2.80 25.02 -6.34
C THR A 671 -4.21 24.89 -6.91
N ILE A 672 -4.40 23.91 -7.76
CA ILE A 672 -5.74 23.45 -8.14
C ILE A 672 -6.06 22.21 -7.32
N CYS A 673 -7.12 22.26 -6.54
CA CYS A 673 -7.59 21.08 -5.85
C CYS A 673 -8.36 20.20 -6.84
N TYR A 674 -7.90 18.97 -7.03
CA TYR A 674 -8.57 18.03 -7.90
C TYR A 674 -9.72 17.38 -7.16
N THR A 675 -10.84 17.25 -7.85
CA THR A 675 -11.99 16.52 -7.32
C THR A 675 -12.72 15.88 -8.50
N GLY A 676 -13.63 14.97 -8.17
CA GLY A 676 -14.41 14.36 -9.22
C GLY A 676 -13.61 13.37 -10.03
N ASP A 677 -13.92 13.30 -11.32
CA ASP A 677 -13.30 12.33 -12.21
C ASP A 677 -13.41 12.87 -13.64
N ILE A 678 -12.30 13.39 -14.15
CA ILE A 678 -12.32 13.99 -15.48
C ILE A 678 -12.59 12.99 -16.59
N LEU A 679 -12.53 11.70 -16.30
CA LEU A 679 -12.83 10.67 -17.28
C LEU A 679 -14.22 10.06 -17.06
N ASP A 680 -15.04 10.67 -16.21
CA ASP A 680 -16.40 10.22 -15.99
C ASP A 680 -17.36 11.22 -16.63
N PRO A 681 -17.90 10.94 -17.82
CA PRO A 681 -18.78 11.92 -18.46
C PRO A 681 -20.05 12.19 -17.69
N SER A 682 -20.45 11.31 -16.78
CA SER A 682 -21.63 11.56 -15.97
C SER A 682 -21.42 12.65 -14.94
N ARG A 683 -20.18 13.12 -14.74
CA ARG A 683 -19.86 14.18 -13.78
C ARG A 683 -19.11 15.27 -14.52
N PRO A 684 -19.83 16.15 -15.22
CA PRO A 684 -19.16 17.14 -16.07
C PRO A 684 -18.74 18.42 -15.38
N LYS A 685 -19.07 18.61 -14.10
CA LYS A 685 -18.80 19.88 -13.45
C LYS A 685 -17.31 20.17 -13.39
N TYR A 686 -16.52 19.24 -12.86
CA TYR A 686 -15.07 19.38 -12.83
C TYR A 686 -14.49 18.49 -13.93
N ASN A 687 -14.57 18.96 -15.15
CA ASN A 687 -14.05 18.24 -16.30
C ASN A 687 -12.66 18.78 -16.65
N ILE A 688 -12.09 18.26 -17.72
CA ILE A 688 -10.73 18.65 -18.08
C ILE A 688 -10.67 20.12 -18.47
N GLN A 689 -11.71 20.65 -19.11
CA GLN A 689 -11.72 22.05 -19.53
C GLN A 689 -11.77 22.98 -18.32
N TYR A 690 -12.50 22.59 -17.28
CA TYR A 690 -12.55 23.39 -16.07
C TYR A 690 -11.15 23.57 -15.50
N TYR A 691 -10.38 22.48 -15.41
CA TYR A 691 -9.03 22.55 -14.89
C TYR A 691 -8.13 23.35 -15.82
N LYS A 692 -8.32 23.20 -17.13
CA LYS A 692 -7.50 23.96 -18.08
C LYS A 692 -7.71 25.45 -17.90
N ASP A 693 -8.96 25.89 -17.81
CA ASP A 693 -9.25 27.30 -17.63
C ASP A 693 -8.70 27.81 -16.31
N LEU A 694 -8.88 27.02 -15.24
CA LEU A 694 -8.35 27.41 -13.94
C LEU A 694 -6.83 27.55 -13.98
N ALA A 695 -6.15 26.62 -14.65
CA ALA A 695 -4.70 26.68 -14.76
C ALA A 695 -4.26 27.90 -15.55
N LYS A 696 -4.99 28.24 -16.61
CA LYS A 696 -4.69 29.46 -17.35
C LYS A 696 -4.79 30.68 -16.45
N GLU A 697 -5.88 30.77 -15.68
CA GLU A 697 -6.03 31.89 -14.76
C GLU A 697 -4.89 31.94 -13.74
N LEU A 698 -4.52 30.78 -13.20
CA LEU A 698 -3.46 30.74 -12.20
C LEU A 698 -2.13 31.17 -12.79
N GLU A 699 -1.84 30.73 -14.01
CA GLU A 699 -0.62 31.17 -14.67
C GLU A 699 -0.64 32.66 -14.95
N ALA A 700 -1.83 33.24 -15.16
CA ALA A 700 -1.89 34.69 -15.34
C ALA A 700 -1.44 35.43 -14.09
N THR A 701 -1.62 34.83 -12.92
CA THR A 701 -0.99 35.37 -11.72
C THR A 701 0.53 35.19 -11.83
N GLY A 702 1.23 35.61 -10.79
CA GLY A 702 2.66 35.43 -10.88
C GLY A 702 3.17 34.09 -10.38
N ALA A 703 2.30 33.11 -10.22
CA ALA A 703 2.68 31.85 -9.60
C ALA A 703 3.83 31.20 -10.34
N HIS A 704 4.85 30.78 -9.58
CA HIS A 704 6.00 30.13 -10.19
C HIS A 704 5.70 28.70 -10.58
N ILE A 705 4.95 27.97 -9.75
CA ILE A 705 4.69 26.55 -9.98
C ILE A 705 3.20 26.30 -9.87
N LEU A 706 2.68 25.45 -10.76
CA LEU A 706 1.29 25.01 -10.67
C LEU A 706 1.23 23.68 -9.96
N ALA A 707 0.58 23.65 -8.81
CA ALA A 707 0.41 22.44 -8.03
C ALA A 707 -0.97 21.84 -8.29
N VAL A 708 -1.01 20.53 -8.41
CA VAL A 708 -2.26 19.79 -8.49
C VAL A 708 -2.39 19.00 -7.20
N ASP A 710 -4.37 16.62 -4.93
CA ASP A 710 -5.38 15.59 -4.88
C ASP A 710 -5.53 15.17 -3.43
N MET A 711 -6.27 15.97 -2.67
CA MET A 711 -6.31 15.82 -1.22
C MET A 711 -6.88 14.49 -0.78
N ALA A 712 -7.75 13.88 -1.59
CA ALA A 712 -8.40 12.63 -1.22
C ALA A 712 -7.88 11.43 -1.99
N GLY A 713 -6.84 11.59 -2.79
CA GLY A 713 -6.38 10.48 -3.62
C GLY A 713 -7.39 10.09 -4.67
N LEU A 714 -8.11 11.06 -5.24
CA LEU A 714 -9.13 10.80 -6.25
C LEU A 714 -8.56 10.67 -7.65
N LEU A 715 -7.30 11.05 -7.86
CA LEU A 715 -6.76 11.11 -9.21
C LEU A 715 -6.36 9.71 -9.66
N LYS A 716 -7.08 9.17 -10.62
CA LYS A 716 -6.81 7.85 -11.15
C LYS A 716 -5.67 7.91 -12.16
N PRO A 717 -5.01 6.77 -12.44
CA PRO A 717 -3.81 6.82 -13.28
C PRO A 717 -4.04 7.37 -14.68
N GLN A 718 -5.03 6.85 -15.41
CA GLN A 718 -5.31 7.40 -16.73
C GLN A 718 -5.76 8.85 -16.63
N ALA A 719 -6.57 9.15 -15.61
CA ALA A 719 -6.95 10.54 -15.37
C ALA A 719 -5.73 11.39 -15.08
N ALA A 720 -4.78 10.88 -14.31
CA ALA A 720 -3.58 11.64 -13.99
C ALA A 720 -2.79 11.95 -15.25
N TYR A 721 -2.57 10.93 -16.10
CA TYR A 721 -1.84 11.15 -17.33
C TYR A 721 -2.53 12.18 -18.19
N ARG A 722 -3.84 12.03 -18.38
CA ARG A 722 -4.57 12.95 -19.24
C ARG A 722 -4.57 14.37 -18.70
N LEU A 723 -4.83 14.54 -17.40
CA LEU A 723 -4.87 15.86 -16.81
C LEU A 723 -3.51 16.54 -16.89
N ILE A 724 -2.44 15.82 -16.56
CA ILE A 724 -1.12 16.42 -16.62
C ILE A 724 -0.75 16.79 -18.04
N SER A 725 -1.09 15.94 -19.02
CA SER A 725 -0.81 16.27 -20.41
C SER A 725 -1.54 17.55 -20.83
N GLU A 726 -2.83 17.63 -20.52
CA GLU A 726 -3.60 18.81 -20.91
C GLU A 726 -3.07 20.07 -20.23
N LEU A 727 -2.71 19.97 -18.95
CA LEU A 727 -2.15 21.12 -18.26
C LEU A 727 -0.82 21.54 -18.87
N LYS A 728 0.02 20.57 -19.24
CA LYS A 728 1.30 20.87 -19.86
C LYS A 728 1.12 21.53 -21.21
N ASP A 729 0.02 21.22 -21.91
CA ASP A 729 -0.26 21.90 -23.16
C ASP A 729 -0.90 23.26 -22.97
N THR A 730 -1.41 23.57 -21.77
CA THR A 730 -2.11 24.81 -21.55
C THR A 730 -1.22 25.90 -20.97
N VAL A 731 -0.31 25.55 -20.06
CA VAL A 731 0.51 26.51 -19.37
C VAL A 731 1.96 26.07 -19.47
N ASP A 732 2.87 26.98 -19.13
CA ASP A 732 4.29 26.72 -19.18
C ASP A 732 4.94 26.56 -17.82
N LEU A 733 4.17 26.69 -16.74
CA LEU A 733 4.71 26.49 -15.41
C LEU A 733 5.03 25.01 -15.17
N PRO A 734 6.06 24.72 -14.37
CA PRO A 734 6.26 23.33 -13.94
C PRO A 734 5.09 22.86 -13.09
N ILE A 735 4.80 21.56 -13.19
CA ILE A 735 3.69 20.97 -12.46
C ILE A 735 4.21 20.23 -11.23
N HIS A 736 3.53 20.42 -10.11
CA HIS A 736 3.82 19.74 -8.86
C HIS A 736 2.58 18.95 -8.45
N LEU A 737 2.61 17.64 -8.64
CA LEU A 737 1.51 16.77 -8.28
C LEU A 737 1.66 16.28 -6.84
N HIS A 738 0.54 16.31 -6.12
CA HIS A 738 0.47 15.83 -4.74
C HIS A 738 -0.77 14.97 -4.61
N THR A 739 -0.58 13.69 -4.31
CA THR A 739 -1.69 12.77 -4.16
C THR A 739 -1.55 11.99 -2.86
N HIS A 740 -2.65 11.39 -2.44
CA HIS A 740 -2.67 10.47 -1.33
C HIS A 740 -2.89 9.06 -1.84
N ASP A 741 -2.41 8.07 -1.09
CA ASP A 741 -2.42 6.69 -1.52
C ASP A 741 -3.58 5.90 -0.91
N THR A 742 -4.67 6.57 -0.53
CA THR A 742 -5.70 5.91 0.25
C THR A 742 -6.36 4.77 -0.52
N SER A 743 -6.49 4.91 -1.84
CA SER A 743 -7.05 3.83 -2.65
C SER A 743 -6.02 2.81 -3.09
N GLY A 744 -4.76 2.98 -2.69
CA GLY A 744 -3.72 2.07 -3.13
C GLY A 744 -3.15 2.35 -4.51
N ASN A 745 -3.59 3.42 -5.18
CA ASN A 745 -3.18 3.71 -6.54
C ASN A 745 -2.24 4.91 -6.64
N GLY A 746 -1.59 5.27 -5.54
CA GLY A 746 -0.74 6.45 -5.56
C GLY A 746 0.49 6.29 -6.45
N ILE A 747 1.15 5.14 -6.35
CA ILE A 747 2.36 4.91 -7.14
C ILE A 747 2.04 4.91 -8.62
N ILE A 748 1.01 4.14 -9.01
CA ILE A 748 0.65 4.05 -10.42
C ILE A 748 0.20 5.42 -10.95
N THR A 749 -0.52 6.19 -10.12
CA THR A 749 -0.91 7.53 -10.52
C THR A 749 0.30 8.42 -10.75
N TYR A 750 1.28 8.35 -9.84
CA TYR A 750 2.50 9.14 -10.01
C TYR A 750 3.26 8.73 -11.25
N SER A 751 3.33 7.43 -11.54
CA SER A 751 4.02 6.98 -12.74
C SER A 751 3.29 7.45 -13.98
N GLY A 752 1.95 7.43 -13.96
CA GLY A 752 1.19 7.97 -15.07
C GLY A 752 1.46 9.44 -15.30
N ALA A 753 1.51 10.23 -14.21
CA ALA A 753 1.86 11.64 -14.33
C ALA A 753 3.28 11.83 -14.81
N THR A 754 4.19 10.96 -14.39
CA THR A 754 5.59 11.03 -14.82
C THR A 754 5.71 10.77 -16.32
N GLN A 755 4.90 9.84 -16.85
CA GLN A 755 4.85 9.65 -18.29
C GLN A 755 4.38 10.91 -18.99
N ALA A 756 3.37 11.58 -18.43
CA ALA A 756 2.83 12.80 -19.02
C ALA A 756 3.72 14.02 -18.84
N GLY A 757 4.76 13.92 -18.00
CA GLY A 757 5.71 14.99 -17.86
C GLY A 757 5.58 15.86 -16.63
N VAL A 758 4.99 15.34 -15.55
CA VAL A 758 4.94 16.11 -14.32
C VAL A 758 6.37 16.39 -13.85
N ASP A 759 6.56 17.55 -13.22
CA ASP A 759 7.90 17.96 -12.80
C ASP A 759 8.24 17.48 -11.40
N ILE A 760 7.34 17.65 -10.44
CA ILE A 760 7.60 17.30 -9.05
C ILE A 760 6.43 16.49 -8.53
N ILE A 761 6.72 15.49 -7.70
CA ILE A 761 5.68 14.67 -7.07
C ILE A 761 5.95 14.62 -5.58
N ASP A 762 4.88 14.57 -4.80
CA ASP A 762 4.98 14.54 -3.35
C ASP A 762 5.06 13.10 -2.84
N VAL A 763 6.09 12.80 -2.05
CA VAL A 763 6.29 11.47 -1.50
C VAL A 763 6.58 11.57 -0.01
N ALA A 764 6.35 10.47 0.69
CA ALA A 764 6.70 10.32 2.08
C ALA A 764 7.69 9.17 2.22
N THR A 765 8.43 9.17 3.33
CA THR A 765 9.30 8.03 3.60
C THR A 765 8.46 6.78 3.82
N ALA A 766 9.04 5.63 3.49
CA ALA A 766 8.28 4.38 3.43
C ALA A 766 7.57 4.10 4.75
N SER A 767 8.25 4.33 5.87
CA SER A 767 7.68 4.02 7.19
C SER A 767 6.52 4.92 7.55
N LEU A 768 6.37 6.06 6.89
CA LEU A 768 5.24 6.97 7.11
C LEU A 768 4.44 7.17 5.84
N ALA A 769 4.48 6.21 4.93
CA ALA A 769 3.81 6.31 3.64
C ALA A 769 2.74 5.23 3.52
N GLY A 770 1.96 5.33 2.44
CA GLY A 770 0.90 4.38 2.19
C GLY A 770 -0.35 4.73 2.96
N GLY A 771 -1.44 4.03 2.68
CA GLY A 771 -2.70 4.38 3.32
C GLY A 771 -3.08 5.79 2.96
N THR A 772 -3.59 6.53 3.94
CA THR A 772 -4.03 7.89 3.69
C THR A 772 -2.87 8.86 3.49
N SER A 773 -1.63 8.42 3.67
CA SER A 773 -0.45 9.24 3.47
C SER A 773 -0.02 9.20 2.01
N GLN A 774 1.10 9.84 1.68
CA GLN A 774 1.61 9.88 0.32
C GLN A 774 2.25 8.55 -0.07
N PRO A 775 2.44 8.31 -1.38
CA PRO A 775 3.18 7.12 -1.80
C PRO A 775 4.63 7.19 -1.35
N SER A 776 5.22 6.00 -1.17
CA SER A 776 6.58 5.90 -0.63
C SER A 776 7.61 6.40 -1.63
N MET A 777 8.60 7.14 -1.12
CA MET A 777 9.67 7.70 -1.93
C MET A 777 10.59 6.60 -2.48
N GLN A 778 10.93 5.62 -1.63
CA GLN A 778 11.70 4.48 -2.09
C GLN A 778 10.93 3.68 -3.14
N SER A 779 9.64 3.48 -2.88
CA SER A 779 8.80 2.77 -3.84
C SER A 779 8.73 3.50 -5.17
N ILE A 780 8.58 4.82 -5.13
CA ILE A 780 8.50 5.56 -6.39
C ILE A 780 9.83 5.49 -7.12
N TYR A 781 10.95 5.44 -6.41
CA TYR A 781 12.23 5.26 -7.08
C TYR A 781 12.27 3.95 -7.84
N TYR A 782 11.85 2.87 -7.20
CA TYR A 782 11.95 1.58 -7.89
C TYR A 782 10.88 1.42 -8.95
N ALA A 783 9.75 2.13 -8.84
CA ALA A 783 8.74 2.08 -9.89
C ALA A 783 9.26 2.62 -11.20
N LEU A 784 10.01 3.73 -11.15
CA LEU A 784 10.48 4.41 -12.35
C LEU A 784 11.92 4.04 -12.71
N GLU A 785 12.49 3.03 -12.06
CA GLU A 785 13.94 2.88 -12.05
C GLU A 785 14.53 2.74 -13.45
N HIS A 786 13.91 1.92 -14.30
CA HIS A 786 14.46 1.68 -15.63
C HIS A 786 13.60 2.27 -16.74
N GLY A 787 12.66 3.14 -16.39
CA GLY A 787 11.85 3.80 -17.38
C GLY A 787 12.57 4.97 -18.02
N PRO A 788 11.85 5.68 -18.88
CA PRO A 788 12.44 6.85 -19.53
C PRO A 788 12.83 7.95 -18.57
N ARG A 789 12.10 8.12 -17.47
CA ARG A 789 12.38 9.15 -16.49
C ARG A 789 12.61 8.51 -15.14
N HIS A 790 13.67 8.89 -14.47
CA HIS A 790 13.98 8.38 -13.14
C HIS A 790 13.54 9.39 -12.09
N ALA A 791 13.40 8.90 -10.86
CA ALA A 791 13.18 9.78 -9.74
C ALA A 791 14.52 10.25 -9.20
N SER A 792 14.67 11.56 -9.05
CA SER A 792 15.90 12.16 -8.57
C SER A 792 15.98 11.98 -7.06
N ILE A 793 16.68 10.95 -6.62
CA ILE A 793 16.82 10.67 -5.19
C ILE A 793 17.94 9.65 -4.98
N ASN A 794 18.66 9.80 -3.87
CA ASN A 794 19.61 8.78 -3.43
C ASN A 794 18.81 7.74 -2.67
N VAL A 795 18.50 6.62 -3.32
CA VAL A 795 17.58 5.66 -2.74
C VAL A 795 18.22 4.90 -1.58
N LYS A 796 19.52 4.64 -1.63
CA LYS A 796 20.18 3.99 -0.50
C LYS A 796 20.11 4.87 0.74
N ASN A 797 20.40 6.16 0.58
CA ASN A 797 20.33 7.07 1.71
C ASN A 797 18.90 7.17 2.24
N ALA A 798 17.92 7.22 1.33
CA ALA A 798 16.52 7.26 1.75
C ALA A 798 16.15 6.03 2.55
N GLU A 799 16.59 4.85 2.10
CA GLU A 799 16.33 3.63 2.84
C GLU A 799 17.03 3.63 4.20
N GLN A 800 18.16 4.32 4.31
CA GLN A 800 18.80 4.44 5.61
C GLN A 800 17.99 5.36 6.54
N ILE A 801 17.53 6.51 6.01
CA ILE A 801 16.70 7.44 6.78
C ILE A 801 15.43 6.74 7.26
N ASP A 802 14.90 5.84 6.43
CA ASP A 802 13.63 5.22 6.76
C ASP A 802 13.74 4.34 7.99
N HIS A 803 14.92 3.81 8.30
CA HIS A 803 15.06 3.03 9.53
C HIS A 803 14.81 3.89 10.75
N TYR A 804 15.36 5.11 10.75
CA TYR A 804 15.08 6.05 11.83
C TYR A 804 13.59 6.35 11.92
N TRP A 805 12.97 6.66 10.78
CA TRP A 805 11.56 7.01 10.83
C TRP A 805 10.72 5.84 11.33
N GLU A 806 11.07 4.62 10.91
CA GLU A 806 10.40 3.43 11.40
C GLU A 806 10.53 3.28 12.90
N ASP A 807 11.73 3.55 13.43
CA ASP A 807 11.91 3.44 14.87
C ASP A 807 11.08 4.48 15.62
N VAL A 808 11.11 5.73 15.16
CA VAL A 808 10.42 6.76 15.93
C VAL A 808 8.91 6.65 15.81
N ARG A 809 8.40 6.01 14.74
CA ARG A 809 6.96 5.84 14.64
C ARG A 809 6.40 5.01 15.80
N LYS A 810 7.21 4.11 16.35
CA LYS A 810 6.73 3.29 17.46
C LYS A 810 6.38 4.14 18.68
N TYR A 811 7.02 5.30 18.84
CA TYR A 811 6.67 6.18 19.94
C TYR A 811 5.24 6.68 19.86
N TYR A 812 4.64 6.64 18.68
CA TYR A 812 3.35 7.28 18.45
C TYR A 812 2.21 6.29 18.35
N ALA A 813 2.37 5.12 18.96
CA ALA A 813 1.32 4.11 18.95
C ALA A 813 -0.05 4.62 19.39
N PRO A 814 -0.17 5.45 20.44
CA PRO A 814 -1.52 5.90 20.84
C PRO A 814 -2.23 6.73 19.77
N PHE A 815 -1.51 7.26 18.79
CA PHE A 815 -2.13 8.06 17.75
C PHE A 815 -2.32 7.31 16.45
N GLU A 816 -2.00 6.03 16.41
CA GLU A 816 -2.14 5.25 15.19
C GLU A 816 -3.61 5.04 14.85
N ALA A 817 -3.90 5.00 13.54
CA ALA A 817 -5.26 4.76 13.09
C ALA A 817 -5.68 3.31 13.27
N GLY A 818 -4.77 2.37 13.02
CA GLY A 818 -5.10 0.96 13.12
C GLY A 818 -4.76 0.19 11.87
N ILE A 819 -5.46 -0.92 11.64
CA ILE A 819 -5.23 -1.70 10.42
C ILE A 819 -5.58 -0.84 9.22
N THR A 820 -4.69 -0.81 8.24
CA THR A 820 -4.87 0.02 7.06
C THR A 820 -4.74 -0.83 5.81
N SER A 821 -5.79 -0.80 5.00
CA SER A 821 -5.86 -1.46 3.71
C SER A 821 -6.16 -0.42 2.64
N PRO A 822 -5.87 -0.70 1.38
CA PRO A 822 -6.33 0.20 0.32
C PRO A 822 -7.84 0.29 0.34
N GLN A 823 -8.36 1.48 0.08
CA GLN A 823 -9.78 1.75 0.24
C GLN A 823 -10.27 2.50 -1.00
N THR A 824 -10.92 1.76 -1.90
CA THR A 824 -11.48 2.36 -3.10
C THR A 824 -12.82 3.04 -2.86
N GLU A 825 -13.37 2.93 -1.65
CA GLU A 825 -14.59 3.68 -1.34
C GLU A 825 -14.34 5.18 -1.35
N VAL A 826 -13.09 5.61 -1.25
CA VAL A 826 -12.77 7.02 -1.36
C VAL A 826 -13.17 7.57 -2.72
N TYR A 827 -13.29 6.70 -3.73
CA TYR A 827 -13.78 7.16 -5.01
C TYR A 827 -15.26 7.51 -4.94
N MET A 828 -16.01 6.88 -4.04
CA MET A 828 -17.42 7.24 -3.86
C MET A 828 -17.58 8.43 -2.92
N HIS A 829 -17.20 8.26 -1.66
CA HIS A 829 -17.14 9.37 -0.73
C HIS A 829 -15.77 10.02 -0.88
N GLU A 830 -15.73 11.30 -1.16
CA GLU A 830 -14.46 11.95 -1.49
C GLU A 830 -13.84 12.60 -0.26
N MET A 831 -13.96 11.92 0.88
CA MET A 831 -13.49 12.48 2.12
C MET A 831 -11.96 12.42 2.15
N PRO A 832 -11.28 13.53 2.41
CA PRO A 832 -9.83 13.45 2.66
C PRO A 832 -9.58 12.68 3.94
N GLY A 833 -8.35 12.16 4.06
CA GLY A 833 -8.04 11.31 5.20
C GLY A 833 -8.30 11.98 6.53
N GLY A 834 -7.88 13.24 6.66
CA GLY A 834 -8.14 13.97 7.89
C GLY A 834 -9.62 14.06 8.18
N GLN A 835 -10.41 14.39 7.16
CA GLN A 835 -11.85 14.42 7.32
C GLN A 835 -12.38 13.05 7.71
N TYR A 836 -11.78 11.98 7.16
CA TYR A 836 -12.21 10.63 7.49
C TYR A 836 -12.02 10.33 8.97
N THR A 837 -10.81 10.55 9.48
CA THR A 837 -10.53 10.24 10.87
C THR A 837 -11.34 11.13 11.81
N ASN A 838 -11.42 12.43 11.50
CA ASN A 838 -12.16 13.34 12.38
C ASN A 838 -13.64 13.00 12.39
N LEU A 839 -14.20 12.67 11.24
CA LEU A 839 -15.60 12.30 11.18
C LEU A 839 -15.86 11.01 11.94
N LYS A 840 -14.94 10.04 11.84
CA LYS A 840 -15.09 8.81 12.60
C LYS A 840 -15.07 9.09 14.10
N SER A 841 -14.12 9.91 14.55
CA SER A 841 -14.03 10.25 15.96
C SER A 841 -15.29 10.94 16.45
N GLN A 842 -15.78 11.91 15.66
CA GLN A 842 -16.97 12.65 16.06
C GLN A 842 -18.20 11.74 16.10
N ALA A 843 -18.31 10.82 15.15
CA ALA A 843 -19.41 9.86 15.18
C ALA A 843 -19.34 8.98 16.41
N ALA A 844 -18.13 8.56 16.79
CA ALA A 844 -17.98 7.80 18.02
C ALA A 844 -18.43 8.62 19.23
N ALA A 845 -17.96 9.87 19.33
CA ALA A 845 -18.36 10.72 20.44
C ALA A 845 -19.87 11.00 20.40
N VAL A 846 -20.42 11.18 19.20
CA VAL A 846 -21.86 11.34 19.07
C VAL A 846 -22.57 10.06 19.47
N GLY A 847 -21.99 8.91 19.15
CA GLY A 847 -22.62 7.65 19.46
C GLY A 847 -23.29 7.03 18.25
N LEU A 848 -22.61 7.07 17.10
CA LEU A 848 -23.15 6.51 15.87
C LEU A 848 -22.11 5.66 15.13
N GLY A 849 -21.04 5.25 15.80
CA GLY A 849 -19.95 4.58 15.11
C GLY A 849 -20.36 3.31 14.40
N HIS A 850 -21.45 2.69 14.86
CA HIS A 850 -21.93 1.48 14.18
C HIS A 850 -22.57 1.80 12.83
N ARG A 851 -22.99 3.04 12.61
CA ARG A 851 -23.63 3.42 11.35
C ARG A 851 -22.72 4.31 10.51
N PHE A 852 -21.41 4.14 10.65
CA PHE A 852 -20.46 4.95 9.88
C PHE A 852 -20.59 4.70 8.38
N ASP A 853 -21.08 3.52 7.98
CA ASP A 853 -21.27 3.28 6.55
C ASP A 853 -22.28 4.25 5.96
N GLU A 854 -23.46 4.34 6.58
CA GLU A 854 -24.43 5.31 6.09
C GLU A 854 -24.05 6.74 6.48
N ILE A 855 -23.13 6.92 7.44
CA ILE A 855 -22.57 8.25 7.64
C ILE A 855 -21.78 8.69 6.42
N LYS A 856 -20.95 7.79 5.89
CA LYS A 856 -20.20 8.10 4.67
C LYS A 856 -21.13 8.28 3.49
N GLN A 857 -22.21 7.48 3.42
CA GLN A 857 -23.20 7.69 2.38
C GLN A 857 -23.86 9.06 2.51
N MET A 858 -24.16 9.48 3.74
CA MET A 858 -24.69 10.82 3.97
C MET A 858 -23.69 11.88 3.56
N TYR A 859 -22.40 11.64 3.80
CA TYR A 859 -21.37 12.56 3.35
C TYR A 859 -21.42 12.74 1.85
N ARG A 860 -21.51 11.63 1.12
CA ARG A 860 -21.58 11.69 -0.34
C ARG A 860 -22.83 12.43 -0.80
N LYS A 861 -23.97 12.12 -0.18
CA LYS A 861 -25.22 12.76 -0.59
C LYS A 861 -25.26 14.23 -0.20
N VAL A 862 -24.66 14.57 0.95
CA VAL A 862 -24.58 15.97 1.36
C VAL A 862 -23.71 16.75 0.38
N ASN A 863 -22.59 16.16 -0.04
CA ASN A 863 -21.77 16.79 -1.06
C ASN A 863 -22.56 17.02 -2.34
N MET A 864 -23.36 16.03 -2.74
CA MET A 864 -24.19 16.21 -3.92
C MET A 864 -25.25 17.29 -3.72
N MET A 865 -25.77 17.40 -2.49
CA MET A 865 -26.81 18.38 -2.20
C MET A 865 -26.26 19.81 -2.19
N PHE A 866 -25.04 19.99 -1.67
CA PHE A 866 -24.42 21.31 -1.70
C PHE A 866 -24.00 21.73 -3.10
N GLY A 867 -24.08 20.82 -4.06
CA GLY A 867 -23.76 21.14 -5.44
C GLY A 867 -22.46 20.55 -5.92
N ASP A 868 -22.04 19.43 -5.32
CA ASP A 868 -20.80 18.74 -5.69
C ASP A 868 -19.59 19.66 -5.52
N ILE A 869 -19.29 19.97 -4.27
CA ILE A 869 -18.30 20.98 -3.95
C ILE A 869 -16.93 20.33 -3.76
N ILE A 870 -15.89 21.12 -3.94
CA ILE A 870 -14.54 20.68 -3.66
C ILE A 870 -14.38 20.50 -2.17
N LYS A 871 -14.05 19.30 -1.74
CA LYS A 871 -14.00 18.96 -0.32
C LYS A 871 -12.55 18.88 0.12
N VAL A 872 -12.11 19.92 0.83
CA VAL A 872 -10.78 20.01 1.39
C VAL A 872 -10.86 21.05 2.49
N THR A 873 -9.89 21.06 3.38
CA THR A 873 -9.94 21.95 4.53
C THR A 873 -10.02 23.41 4.06
N PRO A 874 -10.96 24.21 4.58
CA PRO A 874 -11.99 23.83 5.55
C PRO A 874 -13.32 23.42 4.94
N SER A 875 -13.42 23.36 3.61
CA SER A 875 -14.70 23.03 2.98
C SER A 875 -15.14 21.62 3.31
N SER A 876 -14.20 20.69 3.50
CA SER A 876 -14.57 19.31 3.85
C SER A 876 -15.21 19.25 5.23
N LYS A 877 -14.80 20.14 6.14
CA LYS A 877 -15.45 20.20 7.45
C LYS A 877 -16.93 20.54 7.31
N VAL A 878 -17.29 21.39 6.36
CA VAL A 878 -18.69 21.76 6.17
C VAL A 878 -19.51 20.53 5.82
N VAL A 879 -19.05 19.75 4.85
CA VAL A 879 -19.77 18.56 4.44
C VAL A 879 -19.82 17.54 5.57
N GLY A 880 -18.71 17.37 6.28
CA GLY A 880 -18.70 16.42 7.38
C GLY A 880 -19.70 16.79 8.46
N ASP A 881 -19.73 18.07 8.83
CA ASP A 881 -20.67 18.53 9.85
C ASP A 881 -22.10 18.36 9.38
N MET A 882 -22.39 18.70 8.13
CA MET A 882 -23.76 18.56 7.65
C MET A 882 -24.20 17.10 7.64
N ALA A 883 -23.32 16.19 7.20
CA ALA A 883 -23.67 14.78 7.19
C ALA A 883 -23.88 14.24 8.61
N LEU A 884 -23.01 14.62 9.54
CA LEU A 884 -23.18 14.25 10.93
C LEU A 884 -24.52 14.75 11.47
N PHE A 885 -24.87 16.00 11.18
CA PHE A 885 -26.13 16.57 11.61
C PHE A 885 -27.30 15.81 11.02
N MET A 886 -27.21 15.47 9.73
CA MET A 886 -28.34 14.85 9.05
C MET A 886 -28.57 13.41 9.51
N ILE A 887 -27.51 12.69 9.88
CA ILE A 887 -27.74 11.36 10.42
C ILE A 887 -28.16 11.44 11.89
N GLN A 888 -27.58 12.39 12.63
CA GLN A 888 -27.78 12.43 14.07
C GLN A 888 -29.21 12.76 14.44
N ASN A 889 -29.93 13.48 13.58
CA ASN A 889 -31.34 13.74 13.77
C ASN A 889 -32.18 13.14 12.63
N ASP A 890 -31.63 12.17 11.91
CA ASP A 890 -32.37 11.35 10.96
C ASP A 890 -33.09 12.20 9.92
N LEU A 891 -32.33 13.05 9.24
CA LEU A 891 -32.84 13.84 8.13
C LEU A 891 -32.44 13.22 6.81
N THR A 892 -33.34 13.28 5.85
CA THR A 892 -33.01 13.04 4.45
C THR A 892 -32.90 14.38 3.74
N GLU A 893 -32.67 14.32 2.43
CA GLU A 893 -32.63 15.56 1.65
C GLU A 893 -33.97 16.27 1.68
N GLU A 894 -35.07 15.51 1.58
CA GLU A 894 -36.39 16.11 1.61
C GLU A 894 -36.69 16.74 2.97
N ASP A 895 -36.14 16.17 4.04
CA ASP A 895 -36.37 16.74 5.37
C ASP A 895 -35.84 18.16 5.45
N VAL A 896 -34.63 18.40 4.94
CA VAL A 896 -34.11 19.76 4.96
C VAL A 896 -34.70 20.61 3.86
N TYR A 897 -35.25 20.01 2.80
CA TYR A 897 -35.82 20.81 1.73
C TYR A 897 -37.24 21.26 2.02
N ALA A 898 -37.96 20.55 2.89
CA ALA A 898 -39.33 20.90 3.23
C ALA A 898 -39.49 21.28 4.69
N ARG A 899 -39.00 20.46 5.60
CA ARG A 899 -38.96 20.74 7.03
C ARG A 899 -37.82 21.69 7.39
N GLY A 900 -36.96 22.02 6.44
CA GLY A 900 -35.67 22.61 6.78
C GLY A 900 -35.75 23.93 7.52
N ASN A 901 -36.75 24.75 7.21
CA ASN A 901 -36.85 26.09 7.78
C ASN A 901 -36.93 26.11 9.30
N GLU A 902 -37.06 24.96 9.96
CA GLU A 902 -37.13 24.94 11.42
C GLU A 902 -35.82 24.51 12.06
N LEU A 903 -35.02 23.67 11.41
CA LEU A 903 -33.84 23.11 12.04
C LEU A 903 -32.76 24.16 12.22
N ASN A 904 -31.89 23.90 13.18
CA ASN A 904 -30.75 24.77 13.51
C ASN A 904 -29.51 24.12 12.94
N PHE A 905 -29.19 24.44 11.68
CA PHE A 905 -28.08 23.81 11.01
C PHE A 905 -26.76 24.17 11.70
N PRO A 906 -25.76 23.30 11.62
CA PRO A 906 -24.48 23.60 12.25
C PRO A 906 -23.86 24.86 11.67
N GLU A 907 -23.09 25.55 12.51
CA GLU A 907 -22.65 26.88 12.17
C GLU A 907 -21.67 26.89 11.00
N SER A 908 -20.89 25.82 10.85
CA SER A 908 -19.96 25.75 9.72
C SER A 908 -20.72 25.66 8.40
N VAL A 909 -21.84 24.94 8.40
CA VAL A 909 -22.71 24.93 7.22
C VAL A 909 -23.26 26.33 6.98
N VAL A 910 -23.70 26.99 8.05
CA VAL A 910 -24.21 28.35 7.92
C VAL A 910 -23.12 29.26 7.37
N SER A 911 -21.93 29.22 7.97
CA SER A 911 -20.84 30.08 7.50
C SER A 911 -20.50 29.79 6.05
N PHE A 912 -20.54 28.53 5.64
CA PHE A 912 -20.29 28.21 4.24
C PHE A 912 -21.34 28.84 3.34
N PHE A 913 -22.61 28.78 3.74
CA PHE A 913 -23.67 29.29 2.89
C PHE A 913 -23.83 30.80 2.97
N ARG A 914 -23.20 31.46 3.93
CA ARG A 914 -23.15 32.92 3.94
C ARG A 914 -22.02 33.47 3.07
N GLY A 915 -21.26 32.60 2.42
CA GLY A 915 -20.13 33.05 1.63
C GLY A 915 -18.88 33.35 2.41
N ASP A 916 -18.80 32.89 3.66
CA ASP A 916 -17.60 33.14 4.46
C ASP A 916 -16.40 32.33 3.98
N LEU A 917 -16.62 31.18 3.35
CA LEU A 917 -15.53 30.41 2.77
C LEU A 917 -15.19 30.87 1.35
N GLY A 918 -16.00 31.71 0.76
CA GLY A 918 -15.84 32.08 -0.63
C GLY A 918 -17.00 31.58 -1.47
N GLN A 919 -16.81 31.65 -2.78
CA GLN A 919 -17.87 31.33 -3.71
C GLN A 919 -17.59 30.01 -4.41
N PRO A 920 -18.47 29.04 -4.30
CA PRO A 920 -18.22 27.73 -4.93
C PRO A 920 -18.37 27.81 -6.43
N VAL A 921 -17.80 26.83 -7.11
CA VAL A 921 -17.96 26.72 -8.55
C VAL A 921 -19.43 26.50 -8.86
N GLY A 922 -19.97 27.33 -9.75
CA GLY A 922 -21.37 27.24 -10.08
C GLY A 922 -22.31 27.80 -9.03
N GLY A 923 -21.79 28.48 -8.02
CA GLY A 923 -22.64 29.10 -7.02
C GLY A 923 -23.35 28.12 -6.12
N PHE A 924 -24.00 28.64 -5.09
CA PHE A 924 -24.75 27.82 -4.15
C PHE A 924 -26.08 27.40 -4.76
N PRO A 925 -26.65 26.29 -4.28
CA PRO A 925 -28.05 25.98 -4.62
C PRO A 925 -28.98 26.94 -3.92
N GLU A 926 -29.67 27.77 -4.71
CA GLU A 926 -30.33 28.96 -4.18
C GLU A 926 -31.41 28.61 -3.16
N LYS A 927 -32.26 27.64 -3.47
CA LYS A 927 -33.32 27.27 -2.54
C LYS A 927 -32.74 26.80 -1.22
N LEU A 928 -31.82 25.83 -1.28
CA LEU A 928 -31.27 25.28 -0.06
C LEU A 928 -30.46 26.31 0.70
N GLN A 929 -29.82 27.24 -0.01
CA GLN A 929 -29.13 28.34 0.67
C GLN A 929 -30.12 29.18 1.47
N LYS A 930 -31.28 29.48 0.88
CA LYS A 930 -32.30 30.23 1.61
C LYS A 930 -32.74 29.47 2.85
N ILE A 931 -32.94 28.14 2.73
CA ILE A 931 -33.29 27.36 3.90
C ILE A 931 -32.19 27.44 4.95
N ILE A 932 -30.94 27.34 4.52
CA ILE A 932 -29.82 27.26 5.46
C ILE A 932 -29.69 28.56 6.23
N VAL A 933 -29.49 29.66 5.53
CA VAL A 933 -29.40 30.97 6.17
C VAL A 933 -30.80 31.55 6.17
N LYS A 934 -31.45 31.50 7.33
CA LYS A 934 -32.83 31.97 7.41
C LYS A 934 -32.89 33.48 7.17
N ASP A 935 -32.08 34.25 7.91
CA ASP A 935 -32.12 35.70 7.79
C ASP A 935 -30.76 36.36 7.80
N LYS A 936 -29.68 35.65 8.11
CA LYS A 936 -28.39 36.29 8.26
C LYS A 936 -27.85 36.76 6.92
N ALA A 937 -26.90 37.68 6.99
CA ALA A 937 -26.40 38.35 5.79
C ALA A 937 -25.55 37.40 4.95
N VAL A 938 -25.74 37.46 3.64
CA VAL A 938 -25.04 36.61 2.69
C VAL A 938 -24.19 37.50 1.80
N ILE A 939 -22.88 37.23 1.77
CA ILE A 939 -21.98 37.97 0.93
C ILE A 939 -21.68 37.16 -0.32
N THR A 940 -21.32 37.85 -1.39
CA THR A 940 -21.02 37.21 -2.67
C THR A 940 -19.62 37.52 -3.17
N ASP A 941 -18.83 38.25 -2.41
CA ASP A 941 -17.50 38.65 -2.83
C ASP A 941 -16.48 38.03 -1.88
N ARG A 942 -15.24 38.43 -2.04
CA ARG A 942 -14.15 37.93 -1.21
C ARG A 942 -14.44 38.25 0.25
N PRO A 943 -14.51 37.25 1.12
CA PRO A 943 -14.81 37.53 2.54
C PRO A 943 -13.78 38.44 3.19
N GLY A 944 -12.54 38.43 2.70
CA GLY A 944 -11.51 39.25 3.29
C GLY A 944 -11.76 40.73 3.11
N LEU A 945 -12.58 41.10 2.12
CA LEU A 945 -12.99 42.49 1.99
C LEU A 945 -13.78 42.95 3.20
N HIS A 946 -14.65 42.09 3.72
CA HIS A 946 -15.50 42.40 4.85
C HIS A 946 -14.87 42.00 6.18
N ALA A 947 -13.55 41.93 6.24
CA ALA A 947 -12.85 41.49 7.43
C ALA A 947 -12.57 42.70 8.32
N GLU A 948 -12.82 42.55 9.62
CA GLU A 948 -12.51 43.60 10.57
C GLU A 948 -11.03 43.95 10.51
N LYS A 949 -10.73 45.24 10.51
CA LYS A 949 -9.36 45.68 10.35
C LYS A 949 -8.53 45.29 11.57
N VAL A 950 -7.26 44.98 11.31
CA VAL A 950 -6.31 44.60 12.34
C VAL A 950 -5.10 45.50 12.23
N ASP A 951 -4.76 46.18 13.32
CA ASP A 951 -3.56 47.00 13.40
C ASP A 951 -2.55 46.27 14.28
N PHE A 952 -1.33 46.11 13.78
CA PHE A 952 -0.38 45.26 14.47
C PHE A 952 0.19 45.91 15.72
N GLU A 953 0.18 47.25 15.79
CA GLU A 953 0.73 47.92 16.96
C GLU A 953 -0.14 47.71 18.18
N THR A 954 -1.45 47.91 18.05
CA THR A 954 -2.34 47.72 19.20
C THR A 954 -2.40 46.25 19.59
N VAL A 955 -2.42 45.35 18.61
CA VAL A 955 -2.38 43.92 18.91
C VAL A 955 -1.11 43.57 19.66
N LYS A 956 0.02 44.13 19.22
CA LYS A 956 1.29 43.85 19.87
C LYS A 956 1.28 44.33 21.32
N ALA A 957 0.78 45.54 21.56
CA ALA A 957 0.73 46.06 22.92
C ALA A 957 -0.19 45.22 23.80
N ASP A 958 -1.36 44.85 23.27
CA ASP A 958 -2.31 44.06 24.04
C ASP A 958 -1.72 42.68 24.37
N LEU A 959 -1.04 42.07 23.41
CA LEU A 959 -0.40 40.78 23.65
C LEU A 959 0.71 40.91 24.68
N GLU A 960 1.50 41.98 24.59
CA GLU A 960 2.53 42.23 25.59
C GLU A 960 1.92 42.36 26.97
N GLN A 961 0.70 42.88 27.07
CA GLN A 961 0.01 42.88 28.35
C GLN A 961 -0.42 41.48 28.75
N LYS A 962 -0.96 40.72 27.80
CA LYS A 962 -1.53 39.41 28.13
C LYS A 962 -0.46 38.39 28.52
N ILE A 963 0.71 38.45 27.87
CA ILE A 963 1.81 37.58 28.24
C ILE A 963 2.83 38.44 28.96
N GLY A 964 3.91 37.84 29.43
CA GLY A 964 4.77 38.60 30.31
C GLY A 964 5.84 39.46 29.65
N TYR A 965 5.88 39.56 28.34
CA TYR A 965 7.02 40.17 27.68
C TYR A 965 6.58 40.77 26.36
N GLU A 966 7.55 41.35 25.64
CA GLU A 966 7.28 41.94 24.34
C GLU A 966 7.33 40.86 23.27
N PRO A 967 6.26 40.63 22.52
CA PRO A 967 6.25 39.53 21.55
C PRO A 967 7.00 39.88 20.28
N GLY A 968 7.58 38.86 19.67
CA GLY A 968 8.14 39.01 18.34
C GLY A 968 7.04 39.06 17.29
N ASP A 969 7.45 39.36 16.06
CA ASP A 969 6.47 39.46 14.98
C ASP A 969 5.73 38.15 14.80
N HIS A 970 6.45 37.02 14.84
CA HIS A 970 5.80 35.73 14.69
C HIS A 970 4.78 35.49 15.79
N GLU A 971 5.08 35.93 17.01
CA GLU A 971 4.15 35.74 18.11
C GLU A 971 2.89 36.58 17.93
N VAL A 972 3.04 37.81 17.44
CA VAL A 972 1.87 38.64 17.14
C VAL A 972 1.01 37.98 16.07
N ILE A 973 1.67 37.50 15.01
CA ILE A 973 0.95 36.83 13.93
C ILE A 973 0.24 35.59 14.43
N SER A 974 0.87 34.83 15.32
CA SER A 974 0.24 33.65 15.89
C SER A 974 -0.97 34.04 16.74
N TYR A 975 -0.83 35.09 17.54
CA TYR A 975 -1.95 35.55 18.37
C TYR A 975 -3.12 35.96 17.52
N ILE A 976 -2.86 36.60 16.38
CA ILE A 976 -3.96 36.98 15.50
C ILE A 976 -4.64 35.74 14.90
N MET A 977 -3.86 34.77 14.43
CA MET A 977 -4.45 33.58 13.83
C MET A 977 -5.22 32.75 14.85
N TYR A 978 -4.58 32.43 15.98
CA TYR A 978 -5.14 31.51 16.97
C TYR A 978 -5.07 32.19 18.33
N PRO A 979 -5.99 33.11 18.62
CA PRO A 979 -5.89 33.89 19.85
C PRO A 979 -5.91 33.06 21.12
N GLN A 980 -6.98 32.29 21.33
CA GLN A 980 -7.09 31.53 22.57
C GLN A 980 -6.07 30.42 22.63
N VAL A 981 -5.79 29.78 21.49
CA VAL A 981 -4.83 28.69 21.46
C VAL A 981 -3.44 29.20 21.84
N PHE A 982 -3.06 30.36 21.31
CA PHE A 982 -1.75 30.92 21.64
C PHE A 982 -1.65 31.28 23.12
N LEU A 983 -2.73 31.84 23.70
CA LEU A 983 -2.71 32.18 25.11
C LEU A 983 -2.63 30.93 25.98
N ASP A 984 -3.36 29.88 25.62
CA ASP A 984 -3.25 28.62 26.37
C ASP A 984 -1.86 28.03 26.25
N TYR A 985 -1.25 28.15 25.07
CA TYR A 985 0.12 27.69 24.91
C TYR A 985 1.07 28.51 25.79
N GLN A 986 0.84 29.82 25.89
CA GLN A 986 1.67 30.64 26.76
C GLN A 986 1.49 30.25 28.22
N LYS A 987 0.26 29.94 28.61
CA LYS A 987 0.01 29.48 29.97
C LYS A 987 0.76 28.19 30.24
N MET A 988 0.69 27.24 29.31
CA MET A 988 1.41 25.99 29.46
C MET A 988 2.91 26.21 29.45
N GLN A 989 3.40 27.20 28.70
CA GLN A 989 4.83 27.51 28.75
C GLN A 989 5.23 28.02 30.12
N ARG A 990 4.44 28.92 30.69
CA ARG A 990 4.76 29.46 32.01
C ARG A 990 4.66 28.39 33.08
N GLU A 991 3.82 27.38 32.88
CA GLU A 991 3.60 26.41 33.95
C GLU A 991 4.46 25.14 33.79
N PHE A 992 4.80 24.77 32.55
CA PHE A 992 5.52 23.54 32.28
C PHE A 992 6.83 23.72 31.55
N GLY A 993 7.08 24.89 30.97
CA GLY A 993 8.32 25.11 30.26
C GLY A 993 8.33 24.44 28.90
N ALA A 994 9.52 24.43 28.31
CA ALA A 994 9.72 23.90 26.95
C ALA A 994 9.69 22.38 27.02
N VAL A 995 8.48 21.83 27.06
CA VAL A 995 8.31 20.39 27.02
C VAL A 995 8.73 19.79 25.69
N THR A 996 8.94 20.63 24.67
CA THR A 996 9.40 20.14 23.38
C THR A 996 10.77 19.48 23.48
N LEU A 997 11.53 19.80 24.53
CA LEU A 997 12.83 19.19 24.68
C LEU A 997 12.75 17.76 25.20
N LEU A 998 11.62 17.37 25.78
CA LEU A 998 11.45 15.99 26.23
C LEU A 998 11.45 15.04 25.04
N ASP A 999 12.05 13.88 25.24
CA ASP A 999 11.93 12.82 24.24
C ASP A 999 10.49 12.32 24.22
N THR A 1000 10.08 11.82 23.06
CA THR A 1000 8.70 11.37 22.90
C THR A 1000 8.43 10.14 23.75
N PHE B 493 -18.34 -8.37 19.32
CA PHE B 493 -18.17 -8.36 17.87
C PHE B 493 -19.49 -8.31 17.14
N GLU B 494 -19.64 -7.31 16.28
CA GLU B 494 -20.84 -7.22 15.45
C GLU B 494 -20.84 -8.31 14.39
N GLU B 495 -22.02 -8.63 13.90
CA GLU B 495 -22.14 -9.55 12.78
C GLU B 495 -21.48 -8.94 11.55
N PRO B 496 -20.69 -9.71 10.80
CA PRO B 496 -20.06 -9.17 9.60
C PRO B 496 -21.09 -8.71 8.58
N ARG B 497 -20.83 -7.58 7.95
CA ARG B 497 -21.75 -7.04 6.97
C ARG B 497 -21.86 -7.98 5.77
N GLN B 498 -23.07 -8.24 5.35
CA GLN B 498 -23.27 -9.09 4.17
C GLN B 498 -23.38 -8.24 2.92
N PRO B 499 -22.81 -8.68 1.82
CA PRO B 499 -22.80 -7.85 0.61
C PRO B 499 -24.19 -7.71 0.01
N LEU B 500 -24.43 -6.55 -0.60
CA LEU B 500 -25.61 -6.29 -1.42
C LEU B 500 -25.17 -6.29 -2.87
N LEU B 501 -25.34 -7.42 -3.54
CA LEU B 501 -24.79 -7.64 -4.87
C LEU B 501 -25.82 -7.37 -5.95
N ASN B 502 -25.31 -7.10 -7.14
CA ASN B 502 -26.09 -7.04 -8.37
C ASN B 502 -25.60 -8.17 -9.26
N LEU B 503 -26.39 -9.25 -9.32
CA LEU B 503 -25.94 -10.45 -9.98
C LEU B 503 -26.15 -10.37 -11.49
N GLU B 504 -25.24 -10.99 -12.23
CA GLU B 504 -25.23 -10.87 -13.68
C GLU B 504 -25.41 -12.18 -14.42
N LYS B 505 -25.05 -13.32 -13.82
CA LYS B 505 -25.33 -14.64 -14.37
C LYS B 505 -24.71 -14.83 -15.76
N LYS B 506 -23.39 -14.90 -15.77
CA LYS B 506 -22.62 -15.19 -16.97
C LYS B 506 -21.90 -16.52 -16.83
N LYS B 507 -21.45 -17.05 -17.97
CA LYS B 507 -20.72 -18.31 -18.01
C LYS B 507 -19.29 -18.10 -17.58
N THR B 508 -18.81 -18.96 -16.68
CA THR B 508 -17.49 -18.82 -16.09
C THR B 508 -16.51 -19.81 -16.71
N ALA B 509 -15.24 -19.65 -16.35
CA ALA B 509 -14.21 -20.56 -16.81
C ALA B 509 -14.42 -21.96 -16.24
N LYS B 510 -14.98 -22.05 -15.04
CA LYS B 510 -15.30 -23.36 -14.48
C LYS B 510 -16.35 -24.08 -15.33
N ASN B 511 -17.34 -23.36 -15.84
CA ASN B 511 -18.34 -23.98 -16.71
C ASN B 511 -17.69 -24.49 -17.99
N ILE B 512 -16.80 -23.69 -18.58
CA ILE B 512 -16.11 -24.13 -19.78
C ILE B 512 -15.27 -25.36 -19.50
N LEU B 513 -14.58 -25.38 -18.37
CA LEU B 513 -13.78 -26.54 -18.00
C LEU B 513 -14.66 -27.78 -17.85
N ASP B 514 -15.80 -27.63 -17.19
CA ASP B 514 -16.68 -28.77 -16.95
C ASP B 514 -17.30 -29.29 -18.24
N GLU B 515 -17.61 -28.40 -19.17
CA GLU B 515 -18.27 -28.82 -20.40
C GLU B 515 -17.31 -29.12 -21.54
N GLN B 516 -16.19 -28.40 -21.63
CA GLN B 516 -15.33 -28.51 -22.81
C GLN B 516 -13.86 -28.80 -22.50
N GLY B 517 -13.43 -28.79 -21.24
CA GLY B 517 -12.09 -29.19 -20.91
C GLY B 517 -11.08 -28.06 -20.85
N ALA B 518 -9.85 -28.44 -20.49
CA ALA B 518 -8.81 -27.47 -20.21
C ALA B 518 -8.43 -26.66 -21.43
N ASP B 519 -8.35 -27.29 -22.61
CA ASP B 519 -7.93 -26.57 -23.80
C ASP B 519 -8.91 -25.47 -24.16
N ALA B 520 -10.21 -25.73 -24.00
CA ALA B 520 -11.20 -24.69 -24.23
C ALA B 520 -11.04 -23.55 -23.23
N VAL B 521 -10.67 -23.87 -22.00
CA VAL B 521 -10.39 -22.82 -21.02
C VAL B 521 -9.21 -21.97 -21.47
N VAL B 522 -8.17 -22.61 -22.00
CA VAL B 522 -7.02 -21.87 -22.49
C VAL B 522 -7.40 -20.97 -23.65
N ASP B 523 -8.25 -21.47 -24.55
CA ASP B 523 -8.72 -20.63 -25.65
C ASP B 523 -9.54 -19.46 -25.13
N TYR B 524 -10.37 -19.69 -24.13
CA TYR B 524 -11.17 -18.63 -23.55
C TYR B 524 -10.29 -17.55 -22.93
N VAL B 525 -9.20 -17.96 -22.26
CA VAL B 525 -8.27 -17.00 -21.71
C VAL B 525 -7.53 -16.28 -22.83
N LYS B 526 -7.10 -17.03 -23.86
CA LYS B 526 -6.42 -16.41 -24.99
C LYS B 526 -7.31 -15.42 -25.71
N ASN B 527 -8.61 -15.70 -25.81
CA ASN B 527 -9.52 -14.82 -26.51
C ASN B 527 -9.98 -13.64 -25.68
N THR B 528 -9.79 -13.68 -24.37
CA THR B 528 -10.22 -12.58 -23.51
C THR B 528 -9.27 -11.40 -23.66
N LYS B 529 -9.84 -10.24 -24.05
CA LYS B 529 -9.06 -9.02 -24.18
C LYS B 529 -8.71 -8.42 -22.82
N GLU B 530 -9.66 -8.44 -21.90
CA GLU B 530 -9.40 -7.93 -20.57
C GLU B 530 -8.36 -8.80 -19.86
N VAL B 531 -7.77 -8.25 -18.82
CA VAL B 531 -6.93 -9.05 -17.94
C VAL B 531 -7.83 -9.77 -16.96
N LEU B 532 -7.60 -11.06 -16.78
CA LEU B 532 -8.38 -11.85 -15.86
C LEU B 532 -7.77 -11.81 -14.46
N LEU B 533 -8.62 -11.98 -13.46
CA LEU B 533 -8.20 -11.89 -12.07
C LEU B 533 -8.38 -13.21 -11.36
N THR B 534 -7.39 -13.59 -10.57
CA THR B 534 -7.47 -14.72 -9.65
C THR B 534 -7.49 -14.19 -8.23
N ASP B 535 -8.54 -14.54 -7.48
CA ASP B 535 -8.67 -14.09 -6.10
C ASP B 535 -7.81 -14.98 -5.20
N THR B 536 -6.85 -14.39 -4.51
CA THR B 536 -6.01 -15.11 -3.56
C THR B 536 -6.46 -14.91 -2.12
N THR B 537 -7.65 -14.34 -1.90
CA THR B 537 -8.10 -14.06 -0.55
C THR B 537 -8.14 -15.31 0.31
N LEU B 538 -8.58 -16.43 -0.27
CA LEU B 538 -8.80 -17.64 0.52
C LEU B 538 -7.52 -18.40 0.82
N ARG B 539 -6.43 -18.19 0.08
CA ARG B 539 -5.17 -18.84 0.41
C ARG B 539 -4.06 -17.84 0.72
N ASP B 540 -3.60 -17.09 -0.26
CA ASP B 540 -2.32 -16.42 -0.13
C ASP B 540 -2.44 -15.13 0.68
N ALA B 541 -3.56 -14.43 0.56
CA ALA B 541 -3.74 -13.18 1.28
C ALA B 541 -3.68 -13.40 2.79
N HIS B 542 -4.36 -14.42 3.30
CA HIS B 542 -4.30 -14.67 4.73
C HIS B 542 -3.10 -15.51 5.13
N GLN B 543 -2.48 -16.24 4.20
CA GLN B 543 -1.18 -16.84 4.50
C GLN B 543 -0.15 -15.76 4.78
N SER B 544 -0.17 -14.68 4.00
CA SER B 544 0.79 -13.59 4.19
C SER B 544 0.46 -12.73 5.41
N LEU B 545 -0.82 -12.41 5.59
CA LEU B 545 -1.20 -11.42 6.61
C LEU B 545 -1.59 -12.04 7.94
N LEU B 546 -2.31 -13.16 7.93
CA LEU B 546 -2.89 -13.72 9.15
C LEU B 546 -2.24 -15.04 9.54
N ALA B 547 -1.01 -15.29 9.09
CA ALA B 547 -0.30 -16.54 9.37
C ALA B 547 -1.11 -17.76 8.96
N THR B 548 -1.86 -17.64 7.86
CA THR B 548 -2.65 -18.71 7.28
C THR B 548 -3.77 -19.18 8.20
N ARG B 549 -4.15 -18.38 9.19
CA ARG B 549 -5.08 -18.83 10.22
C ARG B 549 -6.55 -18.66 9.86
N LEU B 550 -6.85 -18.15 8.67
CA LEU B 550 -8.24 -17.94 8.29
C LEU B 550 -8.99 -19.27 8.25
N ARG B 551 -10.16 -19.30 8.87
CA ARG B 551 -10.90 -20.53 9.10
C ARG B 551 -12.03 -20.69 8.10
N LEU B 552 -12.41 -21.96 7.88
CA LEU B 552 -13.52 -22.28 7.00
C LEU B 552 -14.80 -21.58 7.41
N GLN B 553 -15.01 -21.38 8.71
CA GLN B 553 -16.23 -20.76 9.19
C GLN B 553 -16.40 -19.36 8.62
N ASP B 554 -15.30 -18.61 8.53
CA ASP B 554 -15.36 -17.27 7.95
C ASP B 554 -15.44 -17.30 6.43
N MET B 555 -14.82 -18.28 5.79
CA MET B 555 -14.93 -18.40 4.34
C MET B 555 -16.36 -18.74 3.92
N LYS B 556 -17.05 -19.56 4.72
CA LYS B 556 -18.39 -20.02 4.35
C LYS B 556 -19.39 -18.88 4.31
N GLY B 557 -19.24 -17.88 5.18
CA GLY B 557 -20.19 -16.79 5.22
C GLY B 557 -20.21 -15.94 3.97
N ILE B 558 -19.18 -16.04 3.14
CA ILE B 558 -19.04 -15.17 1.98
C ILE B 558 -18.72 -15.93 0.71
N ALA B 559 -18.54 -17.26 0.78
CA ALA B 559 -18.13 -18.01 -0.40
C ALA B 559 -19.17 -17.90 -1.51
N GLN B 560 -20.44 -18.06 -1.19
CA GLN B 560 -21.47 -17.99 -2.21
C GLN B 560 -21.56 -16.58 -2.79
N ALA B 561 -21.41 -15.56 -1.95
CA ALA B 561 -21.39 -14.20 -2.45
C ALA B 561 -20.24 -13.99 -3.42
N ILE B 562 -19.08 -14.59 -3.15
CA ILE B 562 -17.96 -14.48 -4.08
C ILE B 562 -18.29 -15.21 -5.38
N ASP B 563 -18.89 -16.39 -5.28
CA ASP B 563 -19.19 -17.18 -6.47
C ASP B 563 -20.18 -16.45 -7.38
N GLN B 564 -21.23 -15.87 -6.80
CA GLN B 564 -22.29 -15.26 -7.59
C GLN B 564 -22.00 -13.81 -7.94
N GLY B 565 -21.37 -13.06 -7.04
CA GLY B 565 -21.12 -11.65 -7.24
C GLY B 565 -19.89 -11.36 -8.07
N LEU B 566 -18.97 -12.32 -8.16
CA LEU B 566 -17.76 -12.16 -8.95
C LEU B 566 -17.58 -13.33 -9.90
N PRO B 567 -18.51 -13.52 -10.85
CA PRO B 567 -18.37 -14.63 -11.80
C PRO B 567 -17.28 -14.38 -12.83
N GLU B 568 -16.75 -13.17 -12.92
CA GLU B 568 -15.71 -12.86 -13.89
C GLU B 568 -14.36 -13.41 -13.48
N LEU B 569 -14.20 -13.81 -12.23
CA LEU B 569 -12.91 -14.32 -11.77
C LEU B 569 -12.50 -15.54 -12.59
N PHE B 570 -11.23 -15.58 -12.98
CA PHE B 570 -10.71 -16.77 -13.64
C PHE B 570 -10.72 -17.95 -12.69
N SER B 571 -10.31 -17.73 -11.44
CA SER B 571 -10.23 -18.80 -10.46
C SER B 571 -10.08 -18.18 -9.08
N ALA B 572 -10.31 -18.99 -8.06
CA ALA B 572 -10.08 -18.60 -6.68
C ALA B 572 -9.00 -19.49 -6.11
N GLU B 573 -7.91 -18.90 -5.67
CA GLU B 573 -6.85 -19.66 -5.03
C GLU B 573 -7.27 -19.92 -3.59
N MET B 574 -7.62 -21.17 -3.31
CA MET B 574 -8.24 -21.52 -2.05
C MET B 574 -7.60 -22.72 -1.37
N TRP B 575 -6.56 -23.28 -1.96
CA TRP B 575 -5.92 -24.47 -1.41
C TRP B 575 -4.42 -24.40 -1.68
N GLY B 576 -3.71 -25.35 -1.12
CA GLY B 576 -2.29 -25.41 -1.31
C GLY B 576 -1.53 -24.50 -0.36
N GLY B 577 -0.23 -24.43 -0.60
CA GLY B 577 0.62 -23.62 0.25
C GLY B 577 0.63 -24.14 1.67
N ALA B 578 0.76 -23.21 2.61
CA ALA B 578 0.77 -23.55 4.02
C ALA B 578 -0.62 -23.90 4.56
N THR B 579 -1.68 -23.71 3.78
CA THR B 579 -3.03 -23.94 4.28
C THR B 579 -3.23 -25.40 4.66
N PHE B 580 -2.69 -26.32 3.88
CA PHE B 580 -2.92 -27.74 4.13
C PHE B 580 -2.39 -28.15 5.49
N ASP B 581 -1.13 -27.80 5.79
CA ASP B 581 -0.55 -28.13 7.07
C ASP B 581 -1.20 -27.34 8.19
N VAL B 582 -1.45 -26.04 7.96
CA VAL B 582 -1.94 -25.16 9.02
C VAL B 582 -3.33 -25.59 9.47
N ALA B 583 -4.22 -25.92 8.52
CA ALA B 583 -5.56 -26.34 8.90
C ALA B 583 -5.50 -27.44 9.95
N TYR B 584 -4.89 -28.57 9.60
CA TYR B 584 -4.69 -29.66 10.54
C TYR B 584 -4.05 -29.19 11.84
N ARG B 585 -2.84 -28.63 11.75
CA ARG B 585 -2.02 -28.42 12.94
C ARG B 585 -2.63 -27.38 13.88
N PHE B 586 -2.99 -26.22 13.37
CA PHE B 586 -3.38 -25.10 14.22
C PHE B 586 -4.87 -24.82 14.21
N LEU B 587 -5.58 -25.09 13.12
CA LEU B 587 -7.00 -24.82 13.11
C LEU B 587 -7.82 -26.05 13.47
N ASN B 588 -7.20 -27.22 13.48
CA ASN B 588 -7.86 -28.48 13.78
C ASN B 588 -9.10 -28.68 12.91
N GLU B 589 -8.97 -28.31 11.64
CA GLU B 589 -9.97 -28.62 10.64
C GLU B 589 -9.25 -29.25 9.46
N SER B 590 -9.94 -30.11 8.77
CA SER B 590 -9.33 -30.83 7.66
C SER B 590 -9.32 -29.95 6.41
N PRO B 591 -8.18 -29.82 5.72
CA PRO B 591 -8.21 -29.12 4.42
C PRO B 591 -9.14 -29.76 3.42
N TRP B 592 -9.30 -31.08 3.47
CA TRP B 592 -10.25 -31.75 2.59
C TRP B 592 -11.68 -31.33 2.89
N TYR B 593 -12.02 -31.22 4.18
CA TYR B 593 -13.36 -30.76 4.56
C TYR B 593 -13.60 -29.34 4.07
N ARG B 594 -12.61 -28.47 4.23
CA ARG B 594 -12.70 -27.11 3.71
C ARG B 594 -12.95 -27.13 2.20
N LEU B 595 -12.19 -27.96 1.48
CA LEU B 595 -12.33 -28.03 0.04
C LEU B 595 -13.73 -28.49 -0.35
N ARG B 596 -14.27 -29.49 0.34
CA ARG B 596 -15.59 -29.99 -0.01
C ARG B 596 -16.66 -28.94 0.26
N LYS B 597 -16.62 -28.31 1.43
CA LYS B 597 -17.62 -27.30 1.75
C LYS B 597 -17.56 -26.13 0.77
N LEU B 598 -16.36 -25.62 0.50
CA LEU B 598 -16.24 -24.50 -0.43
C LEU B 598 -16.67 -24.91 -1.85
N ARG B 599 -16.36 -26.15 -2.24
CA ARG B 599 -16.77 -26.63 -3.56
C ARG B 599 -18.28 -26.63 -3.69
N LYS B 600 -18.98 -27.07 -2.65
CA LYS B 600 -20.45 -27.00 -2.68
C LYS B 600 -20.91 -25.55 -2.76
N LEU B 601 -20.32 -24.68 -1.94
CA LEU B 601 -20.77 -23.29 -1.88
C LEU B 601 -20.41 -22.49 -3.11
N MET B 602 -19.48 -22.97 -3.94
CA MET B 602 -18.90 -22.19 -5.02
C MET B 602 -18.90 -23.00 -6.32
N PRO B 603 -20.07 -23.39 -6.81
CA PRO B 603 -20.11 -24.33 -7.94
C PRO B 603 -19.53 -23.77 -9.23
N ASN B 604 -19.63 -22.47 -9.45
CA ASN B 604 -19.23 -21.86 -10.71
C ASN B 604 -17.87 -21.18 -10.63
N THR B 605 -17.12 -21.39 -9.55
CA THR B 605 -15.81 -20.78 -9.37
C THR B 605 -14.74 -21.84 -9.55
N MET B 606 -13.76 -21.54 -10.39
CA MET B 606 -12.67 -22.48 -10.60
C MET B 606 -11.73 -22.41 -9.41
N PHE B 607 -11.42 -23.57 -8.83
CA PHE B 607 -10.61 -23.66 -7.63
C PHE B 607 -9.15 -23.90 -8.01
N GLN B 608 -8.26 -23.06 -7.52
CA GLN B 608 -6.84 -23.13 -7.83
C GLN B 608 -6.07 -23.49 -6.57
N MET B 609 -5.08 -24.35 -6.74
CA MET B 609 -4.23 -24.78 -5.64
C MET B 609 -2.78 -24.58 -6.01
N LEU B 610 -2.00 -24.15 -5.01
CA LEU B 610 -0.56 -24.08 -5.14
C LEU B 610 0.01 -25.45 -4.82
N PHE B 611 0.76 -26.03 -5.77
CA PHE B 611 1.27 -27.38 -5.68
C PHE B 611 2.78 -27.29 -5.85
N ARG B 612 3.52 -27.89 -4.91
CA ARG B 612 4.97 -27.70 -4.82
C ARG B 612 5.75 -28.74 -5.61
N GLY B 613 5.16 -29.30 -6.66
CA GLY B 613 5.89 -30.19 -7.55
C GLY B 613 6.22 -31.53 -6.95
N SER B 614 7.50 -31.76 -6.66
CA SER B 614 7.92 -33.04 -6.11
C SER B 614 7.28 -33.30 -4.76
N ASN B 615 7.29 -32.31 -3.88
CA ASN B 615 6.40 -32.30 -2.74
C ASN B 615 5.03 -31.84 -3.19
N ALA B 616 3.97 -32.40 -2.61
CA ALA B 616 2.64 -31.89 -2.94
C ALA B 616 2.33 -30.67 -2.09
N VAL B 617 2.15 -30.88 -0.79
CA VAL B 617 1.90 -29.78 0.13
C VAL B 617 2.84 -29.93 1.31
N GLY B 618 3.75 -30.90 1.23
CA GLY B 618 4.76 -31.11 2.26
C GLY B 618 5.97 -30.23 2.07
N TYR B 619 7.01 -30.53 2.84
CA TYR B 619 8.30 -29.88 2.69
C TYR B 619 9.40 -30.82 2.26
N GLN B 620 9.18 -32.12 2.33
CA GLN B 620 10.14 -33.13 1.90
C GLN B 620 9.76 -33.59 0.50
N ASN B 621 10.47 -34.59 -0.01
CA ASN B 621 10.13 -35.21 -1.28
C ASN B 621 9.33 -36.47 -1.03
N TYR B 622 8.43 -36.79 -1.95
CA TYR B 622 7.59 -37.98 -1.90
C TYR B 622 7.76 -38.78 -3.17
N PRO B 623 7.50 -40.08 -3.13
CA PRO B 623 7.56 -40.89 -4.34
C PRO B 623 6.53 -40.45 -5.37
N ASP B 624 6.75 -40.86 -6.62
CA ASP B 624 5.94 -40.39 -7.72
C ASP B 624 4.48 -40.79 -7.58
N ASN B 625 4.24 -42.04 -7.18
CA ASN B 625 2.86 -42.51 -7.08
C ASN B 625 2.09 -41.76 -6.00
N VAL B 626 2.75 -41.34 -4.93
CA VAL B 626 2.09 -40.56 -3.90
C VAL B 626 1.63 -39.21 -4.45
N ILE B 627 2.50 -38.56 -5.23
CA ILE B 627 2.14 -37.28 -5.84
C ILE B 627 0.99 -37.47 -6.82
N GLU B 628 1.03 -38.53 -7.62
CA GLU B 628 -0.05 -38.79 -8.58
C GLU B 628 -1.36 -39.05 -7.85
N GLU B 629 -1.32 -39.82 -6.77
CA GLU B 629 -2.54 -40.08 -6.01
C GLU B 629 -3.09 -38.81 -5.39
N PHE B 630 -2.21 -37.98 -4.83
CA PHE B 630 -2.67 -36.70 -4.28
C PHE B 630 -3.36 -35.88 -5.35
N ILE B 631 -2.75 -35.80 -6.54
CA ILE B 631 -3.34 -35.00 -7.61
C ILE B 631 -4.69 -35.59 -8.02
N ARG B 632 -4.79 -36.92 -8.09
CA ARG B 632 -6.06 -37.55 -8.46
C ARG B 632 -7.15 -37.20 -7.45
N VAL B 633 -6.84 -37.31 -6.16
CA VAL B 633 -7.84 -37.04 -5.13
C VAL B 633 -8.19 -35.56 -5.09
N ALA B 634 -7.20 -34.69 -5.24
CA ALA B 634 -7.45 -33.26 -5.22
C ALA B 634 -8.30 -32.81 -6.40
N ALA B 635 -8.02 -33.37 -7.59
CA ALA B 635 -8.84 -33.06 -8.75
C ALA B 635 -10.25 -33.62 -8.60
N HIS B 636 -10.37 -34.82 -8.03
CA HIS B 636 -11.69 -35.40 -7.79
C HIS B 636 -12.51 -34.57 -6.81
N GLU B 637 -11.86 -34.07 -5.75
CA GLU B 637 -12.57 -33.31 -4.74
C GLU B 637 -12.85 -31.88 -5.15
N GLY B 638 -12.32 -31.42 -6.28
CA GLY B 638 -12.76 -30.14 -6.78
C GLY B 638 -11.69 -29.13 -7.17
N ILE B 639 -10.41 -29.48 -7.02
CA ILE B 639 -9.35 -28.58 -7.49
C ILE B 639 -9.34 -28.62 -9.00
N ASP B 640 -9.45 -27.44 -9.62
CA ASP B 640 -9.51 -27.34 -11.07
C ASP B 640 -8.22 -26.86 -11.70
N VAL B 641 -7.48 -25.99 -11.02
CA VAL B 641 -6.23 -25.43 -11.51
C VAL B 641 -5.13 -25.83 -10.54
N PHE B 642 -4.04 -26.37 -11.07
CA PHE B 642 -2.89 -26.73 -10.26
C PHE B 642 -1.73 -25.84 -10.70
N ARG B 643 -1.35 -24.89 -9.85
CA ARG B 643 -0.17 -24.08 -10.09
C ARG B 643 1.01 -24.87 -9.56
N ILE B 644 1.73 -25.52 -10.46
CA ILE B 644 2.81 -26.43 -10.08
C ILE B 644 4.12 -25.68 -10.17
N PHE B 645 4.84 -25.61 -9.06
CA PHE B 645 6.13 -24.96 -9.05
C PHE B 645 7.15 -25.84 -8.33
N ASP B 646 8.41 -25.60 -8.62
CA ASP B 646 9.52 -26.21 -7.92
C ASP B 646 10.39 -25.12 -7.34
N SER B 647 10.86 -25.32 -6.11
CA SER B 647 11.56 -24.25 -5.39
C SER B 647 12.87 -23.86 -6.06
N LEU B 648 13.42 -24.68 -6.95
CA LEU B 648 14.65 -24.34 -7.66
C LEU B 648 14.44 -24.19 -9.16
N ASN B 649 13.19 -24.10 -9.61
CA ASN B 649 12.85 -23.97 -11.03
C ASN B 649 13.44 -25.13 -11.83
N TRP B 650 13.43 -26.32 -11.23
CA TRP B 650 13.99 -27.51 -11.85
C TRP B 650 12.85 -28.30 -12.49
N LEU B 651 12.83 -28.33 -13.82
CA LEU B 651 11.73 -28.97 -14.55
C LEU B 651 11.51 -30.44 -14.22
N PRO B 652 12.55 -31.28 -14.02
CA PRO B 652 12.28 -32.68 -13.69
C PRO B 652 11.38 -32.89 -12.49
N GLN B 653 11.41 -31.98 -11.53
CA GLN B 653 10.54 -32.11 -10.36
C GLN B 653 9.13 -31.63 -10.62
N MET B 654 8.85 -31.07 -11.80
CA MET B 654 7.51 -30.65 -12.16
C MET B 654 6.86 -31.50 -13.25
N GLU B 655 7.66 -32.24 -14.03
CA GLU B 655 7.10 -32.96 -15.17
C GLU B 655 6.01 -33.95 -14.75
N LYS B 656 6.28 -34.74 -13.71
CA LYS B 656 5.32 -35.77 -13.30
C LYS B 656 4.01 -35.15 -12.83
N SER B 657 4.10 -34.08 -12.05
CA SER B 657 2.89 -33.42 -11.56
C SER B 657 2.10 -32.82 -12.71
N ILE B 658 2.78 -32.19 -13.67
CA ILE B 658 2.07 -31.63 -14.81
C ILE B 658 1.35 -32.72 -15.58
N GLN B 659 2.03 -33.85 -15.79
CA GLN B 659 1.41 -34.95 -16.51
C GLN B 659 0.20 -35.51 -15.77
N ALA B 660 0.31 -35.67 -14.45
CA ALA B 660 -0.81 -36.19 -13.68
C ALA B 660 -2.00 -35.24 -13.73
N VAL B 661 -1.74 -33.93 -13.62
CA VAL B 661 -2.82 -32.95 -13.70
C VAL B 661 -3.51 -33.04 -15.06
N ARG B 662 -2.74 -33.15 -16.13
CA ARG B 662 -3.34 -33.29 -17.45
C ARG B 662 -4.16 -34.57 -17.55
N ASP B 663 -3.63 -35.68 -17.02
CA ASP B 663 -4.33 -36.95 -17.10
C ASP B 663 -5.64 -36.93 -16.32
N ASN B 664 -5.73 -36.09 -15.29
CA ASN B 664 -6.96 -35.96 -14.53
C ASN B 664 -7.93 -34.96 -15.13
N GLY B 665 -7.64 -34.43 -16.31
CA GLY B 665 -8.54 -33.50 -16.96
C GLY B 665 -8.66 -32.15 -16.32
N LYS B 666 -7.61 -31.66 -15.67
CA LYS B 666 -7.60 -30.34 -15.06
C LYS B 666 -6.58 -29.46 -15.75
N ILE B 667 -6.47 -28.22 -15.30
CA ILE B 667 -5.62 -27.22 -15.91
C ILE B 667 -4.29 -27.20 -15.19
N ALA B 668 -3.21 -27.39 -15.94
CA ALA B 668 -1.86 -27.40 -15.41
C ALA B 668 -1.22 -26.03 -15.63
N GLU B 669 -0.75 -25.44 -14.55
CA GLU B 669 -0.01 -24.18 -14.59
C GLU B 669 1.44 -24.51 -14.21
N ALA B 670 2.32 -24.45 -15.20
CA ALA B 670 3.74 -24.65 -14.93
C ALA B 670 4.34 -23.32 -14.53
N THR B 671 5.04 -23.29 -13.41
CA THR B 671 5.40 -22.05 -12.76
C THR B 671 6.90 -21.82 -12.81
N ILE B 672 7.29 -20.62 -13.23
CA ILE B 672 8.65 -20.12 -13.07
C ILE B 672 8.67 -19.22 -11.86
N CYS B 673 9.49 -19.55 -10.87
CA CYS B 673 9.72 -18.66 -9.75
C CYS B 673 10.69 -17.58 -10.19
N TYR B 674 10.29 -16.33 -10.03
CA TYR B 674 11.11 -15.19 -10.41
C TYR B 674 12.03 -14.81 -9.26
N THR B 675 13.27 -14.47 -9.58
CA THR B 675 14.23 -14.02 -8.59
C THR B 675 15.24 -13.11 -9.28
N GLY B 676 15.99 -12.37 -8.46
CA GLY B 676 16.99 -11.49 -9.03
C GLY B 676 16.36 -10.28 -9.69
N ASP B 677 17.01 -9.81 -10.76
CA ASP B 677 16.57 -8.59 -11.45
C ASP B 677 17.05 -8.70 -12.89
N ILE B 678 16.13 -8.96 -13.80
CA ILE B 678 16.50 -9.15 -15.20
C ILE B 678 17.01 -7.87 -15.84
N LEU B 679 16.82 -6.73 -15.19
CA LEU B 679 17.32 -5.46 -15.70
C LEU B 679 18.58 -5.00 -14.97
N ASP B 680 19.18 -5.87 -14.17
CA ASP B 680 20.42 -5.55 -13.46
C ASP B 680 21.56 -6.35 -14.09
N PRO B 681 22.41 -5.72 -14.91
CA PRO B 681 23.48 -6.48 -15.58
C PRO B 681 24.49 -7.08 -14.62
N SER B 682 24.57 -6.60 -13.39
CA SER B 682 25.52 -7.13 -12.42
C SER B 682 25.08 -8.44 -11.81
N ARG B 683 23.87 -8.92 -12.12
CA ARG B 683 23.37 -10.21 -11.64
C ARG B 683 22.89 -11.00 -12.84
N PRO B 684 23.81 -11.64 -13.58
CA PRO B 684 23.43 -12.30 -14.84
C PRO B 684 22.92 -13.71 -14.69
N LYS B 685 22.94 -14.31 -13.51
CA LYS B 685 22.51 -15.70 -13.37
C LYS B 685 21.06 -15.88 -13.77
N TYR B 686 20.18 -14.99 -13.32
CA TYR B 686 18.77 -15.03 -13.70
C TYR B 686 18.51 -13.82 -14.59
N ASN B 687 18.84 -13.97 -15.87
CA ASN B 687 18.61 -12.95 -16.85
C ASN B 687 17.39 -13.33 -17.69
N ILE B 688 17.07 -12.49 -18.66
CA ILE B 688 15.87 -12.71 -19.45
C ILE B 688 15.98 -14.00 -20.25
N GLN B 689 17.19 -14.37 -20.69
CA GLN B 689 17.35 -15.58 -21.48
C GLN B 689 17.10 -16.83 -20.65
N TYR B 690 17.50 -16.81 -19.37
CA TYR B 690 17.24 -17.95 -18.50
C TYR B 690 15.74 -18.21 -18.37
N TYR B 691 14.96 -17.15 -18.17
CA TYR B 691 13.52 -17.29 -18.09
C TYR B 691 12.93 -17.72 -19.41
N LYS B 692 13.47 -17.22 -20.53
CA LYS B 692 12.96 -17.62 -21.84
C LYS B 692 13.18 -19.11 -22.07
N ASP B 693 14.38 -19.60 -21.79
CA ASP B 693 14.65 -21.01 -21.99
C ASP B 693 13.81 -21.88 -21.06
N LEU B 694 13.66 -21.45 -19.81
CA LEU B 694 12.81 -22.19 -18.89
C LEU B 694 11.38 -22.24 -19.39
N ALA B 695 10.87 -21.12 -19.92
CA ALA B 695 9.51 -21.09 -20.43
C ALA B 695 9.34 -22.00 -21.64
N LYS B 696 10.34 -22.02 -22.53
CA LYS B 696 10.29 -22.95 -23.65
C LYS B 696 10.21 -24.39 -23.17
N GLU B 697 11.06 -24.75 -22.21
CA GLU B 697 11.03 -26.12 -21.69
C GLU B 697 9.67 -26.43 -21.06
N LEU B 698 9.12 -25.49 -20.28
CA LEU B 698 7.83 -25.73 -19.65
C LEU B 698 6.73 -25.91 -20.69
N GLU B 699 6.75 -25.10 -21.75
CA GLU B 699 5.78 -25.26 -22.82
C GLU B 699 5.96 -26.59 -23.53
N ALA B 700 7.18 -27.14 -23.53
CA ALA B 700 7.37 -28.46 -24.11
C ALA B 700 6.56 -29.52 -23.38
N THR B 701 6.44 -29.40 -22.06
CA THR B 701 5.49 -30.23 -21.33
C THR B 701 4.07 -29.85 -21.75
N GLY B 702 3.10 -30.54 -21.17
CA GLY B 702 1.73 -30.29 -21.60
C GLY B 702 1.06 -29.16 -20.87
N ALA B 703 1.83 -28.33 -20.19
CA ALA B 703 1.27 -27.29 -19.33
C ALA B 703 0.36 -26.37 -20.13
N HIS B 704 -0.82 -26.10 -19.55
CA HIS B 704 -1.79 -25.25 -20.22
C HIS B 704 -1.46 -23.77 -20.03
N ILE B 705 -1.05 -23.39 -18.83
CA ILE B 705 -0.78 -21.99 -18.53
C ILE B 705 0.63 -21.88 -17.96
N LEU B 706 1.35 -20.85 -18.37
CA LEU B 706 2.65 -20.53 -17.79
C LEU B 706 2.43 -19.47 -16.71
N ALA B 707 2.80 -19.79 -15.49
CA ALA B 707 2.67 -18.90 -14.36
C ALA B 707 4.02 -18.32 -14.01
N VAL B 708 4.06 -17.02 -13.75
CA VAL B 708 5.24 -16.35 -13.25
C VAL B 708 4.99 -15.99 -11.80
N ASP B 710 6.19 -14.48 -8.37
CA ASP B 710 7.10 -13.54 -7.76
C ASP B 710 6.87 -13.58 -6.25
N MET B 711 7.36 -14.66 -5.64
CA MET B 711 7.04 -14.95 -4.25
C MET B 711 7.45 -13.84 -3.29
N ALA B 712 8.47 -13.05 -3.63
CA ALA B 712 8.94 -11.99 -2.75
C ALA B 712 8.55 -10.60 -3.24
N GLY B 713 7.79 -10.51 -4.30
CA GLY B 713 7.50 -9.20 -4.86
C GLY B 713 8.73 -8.52 -5.42
N LEU B 714 9.63 -9.29 -6.02
CA LEU B 714 10.86 -8.75 -6.58
C LEU B 714 10.69 -8.17 -7.97
N LEU B 715 9.56 -8.40 -8.62
CA LEU B 715 9.39 -8.00 -10.01
C LEU B 715 9.07 -6.51 -10.08
N LYS B 716 10.00 -5.73 -10.60
CA LYS B 716 9.81 -4.31 -10.77
C LYS B 716 8.99 -4.03 -12.03
N PRO B 717 8.37 -2.86 -12.10
CA PRO B 717 7.41 -2.61 -13.21
C PRO B 717 8.02 -2.70 -14.60
N GLN B 718 9.15 -2.02 -14.84
CA GLN B 718 9.80 -2.14 -16.13
C GLN B 718 10.25 -3.58 -16.39
N ALA B 719 10.78 -4.23 -15.35
CA ALA B 719 11.14 -5.64 -15.46
C ALA B 719 9.92 -6.48 -15.78
N ALA B 720 8.79 -6.19 -15.14
CA ALA B 720 7.57 -6.96 -15.42
C ALA B 720 7.17 -6.83 -16.87
N TYR B 721 7.13 -5.59 -17.38
CA TYR B 721 6.76 -5.38 -18.78
C TYR B 721 7.71 -6.15 -19.69
N ARG B 722 9.01 -5.99 -19.48
CA ARG B 722 9.99 -6.63 -20.36
C ARG B 722 9.89 -8.15 -20.30
N LEU B 723 9.78 -8.71 -19.09
CA LEU B 723 9.72 -10.15 -18.94
C LEU B 723 8.48 -10.72 -19.59
N ILE B 724 7.32 -10.11 -19.33
CA ILE B 724 6.09 -10.61 -19.92
C ILE B 724 6.15 -10.50 -21.43
N SER B 725 6.73 -9.43 -21.96
CA SER B 725 6.85 -9.30 -23.41
C SER B 725 7.71 -10.41 -23.99
N GLU B 726 8.88 -10.63 -23.40
CA GLU B 726 9.79 -11.65 -23.93
C GLU B 726 9.16 -13.03 -23.83
N LEU B 727 8.46 -13.32 -22.73
CA LEU B 727 7.76 -14.60 -22.63
C LEU B 727 6.66 -14.71 -23.67
N LYS B 728 5.92 -13.62 -23.89
CA LYS B 728 4.81 -13.63 -24.83
C LYS B 728 5.31 -13.89 -26.25
N ASP B 729 6.51 -13.43 -26.59
CA ASP B 729 7.06 -13.71 -27.89
C ASP B 729 7.91 -14.98 -27.91
N THR B 730 7.95 -15.71 -26.81
CA THR B 730 8.67 -16.98 -26.72
C THR B 730 7.76 -18.19 -26.77
N VAL B 731 6.68 -18.19 -25.98
CA VAL B 731 5.76 -19.31 -25.91
C VAL B 731 4.36 -18.81 -26.31
N ASP B 732 3.45 -19.76 -26.49
CA ASP B 732 2.08 -19.46 -26.86
C ASP B 732 1.09 -19.61 -25.71
N LEU B 733 1.51 -20.15 -24.58
CA LEU B 733 0.63 -20.31 -23.45
C LEU B 733 0.23 -18.95 -22.88
N PRO B 734 -0.98 -18.83 -22.35
CA PRO B 734 -1.34 -17.61 -21.60
C PRO B 734 -0.47 -17.49 -20.37
N ILE B 735 -0.20 -16.24 -19.97
CA ILE B 735 0.65 -15.95 -18.82
C ILE B 735 -0.21 -15.60 -17.63
N HIS B 736 0.13 -16.17 -16.48
CA HIS B 736 -0.52 -15.91 -15.21
C HIS B 736 0.53 -15.35 -14.25
N LEU B 737 0.46 -14.06 -13.96
CA LEU B 737 1.41 -13.42 -13.08
C LEU B 737 0.87 -13.37 -11.65
N HIS B 738 1.76 -13.67 -10.71
CA HIS B 738 1.46 -13.64 -9.28
C HIS B 738 2.58 -12.90 -8.58
N THR B 739 2.26 -11.76 -7.98
CA THR B 739 3.25 -10.99 -7.25
C THR B 739 2.71 -10.62 -5.88
N HIS B 740 3.64 -10.24 -5.00
CA HIS B 740 3.30 -9.71 -3.70
C HIS B 740 3.60 -8.21 -3.70
N ASP B 741 2.90 -7.47 -2.85
CA ASP B 741 2.99 -6.02 -2.80
C ASP B 741 3.94 -5.53 -1.72
N THR B 742 4.99 -6.30 -1.42
CA THR B 742 5.84 -6.01 -0.27
C THR B 742 6.51 -4.66 -0.40
N SER B 743 6.99 -4.33 -1.60
CA SER B 743 7.69 -3.08 -1.84
C SER B 743 6.76 -1.93 -2.14
N GLY B 744 5.45 -2.15 -2.13
CA GLY B 744 4.51 -1.12 -2.53
C GLY B 744 4.37 -0.93 -4.02
N ASN B 745 4.95 -1.80 -4.84
CA ASN B 745 4.93 -1.65 -6.29
C ASN B 745 4.11 -2.73 -6.98
N GLY B 746 3.23 -3.40 -6.25
CA GLY B 746 2.47 -4.48 -6.84
C GLY B 746 1.52 -4.01 -7.93
N ILE B 747 0.80 -2.93 -7.67
CA ILE B 747 -0.17 -2.43 -8.64
C ILE B 747 0.51 -1.96 -9.91
N ILE B 748 1.60 -1.19 -9.76
CA ILE B 748 2.28 -0.66 -10.92
C ILE B 748 2.91 -1.80 -11.72
N THR B 749 3.42 -2.82 -11.02
CA THR B 749 3.95 -3.99 -11.71
C THR B 749 2.85 -4.72 -12.49
N TYR B 750 1.67 -4.86 -11.90
CA TYR B 750 0.57 -5.50 -12.61
C TYR B 750 0.16 -4.68 -13.82
N SER B 751 0.14 -3.35 -13.68
CA SER B 751 -0.21 -2.52 -14.83
C SER B 751 0.83 -2.65 -15.94
N GLY B 752 2.11 -2.70 -15.57
CA GLY B 752 3.14 -2.93 -16.56
C GLY B 752 2.98 -4.26 -17.27
N ALA B 753 2.66 -5.31 -16.51
CA ALA B 753 2.43 -6.62 -17.12
C ALA B 753 1.19 -6.62 -17.99
N THR B 754 0.16 -5.88 -17.59
CA THR B 754 -1.03 -5.75 -18.42
C THR B 754 -0.71 -5.06 -19.73
N GLN B 755 0.16 -4.05 -19.69
CA GLN B 755 0.63 -3.42 -20.92
C GLN B 755 1.32 -4.44 -21.82
N ALA B 756 2.16 -5.30 -21.24
CA ALA B 756 2.88 -6.31 -22.00
C ALA B 756 2.00 -7.46 -22.46
N GLY B 757 0.77 -7.57 -21.94
CA GLY B 757 -0.14 -8.59 -22.40
C GLY B 757 -0.30 -9.79 -21.50
N VAL B 758 -0.04 -9.68 -20.20
CA VAL B 758 -0.31 -10.78 -19.31
C VAL B 758 -1.80 -11.09 -19.35
N ASP B 759 -2.15 -12.36 -19.21
CA ASP B 759 -3.56 -12.72 -19.31
C ASP B 759 -4.27 -12.79 -17.96
N ILE B 760 -3.61 -13.31 -16.93
CA ILE B 760 -4.21 -13.42 -15.61
C ILE B 760 -3.25 -12.83 -14.59
N ILE B 761 -3.80 -12.17 -13.57
CA ILE B 761 -3.01 -11.64 -12.47
C ILE B 761 -3.67 -12.03 -11.16
N ASP B 762 -2.85 -12.21 -10.12
CA ASP B 762 -3.36 -12.61 -8.81
C ASP B 762 -3.61 -11.38 -7.93
N VAL B 763 -4.83 -11.27 -7.40
CA VAL B 763 -5.20 -10.16 -6.55
C VAL B 763 -5.90 -10.67 -5.30
N ALA B 764 -5.82 -9.87 -4.24
CA ALA B 764 -6.53 -10.13 -3.00
C ALA B 764 -7.59 -9.07 -2.81
N THR B 765 -8.60 -9.40 -2.01
CA THR B 765 -9.58 -8.39 -1.64
C THR B 765 -8.90 -7.29 -0.83
N ALA B 766 -9.43 -6.07 -0.95
CA ALA B 766 -8.74 -4.89 -0.42
C ALA B 766 -8.41 -5.06 1.06
N SER B 767 -9.35 -5.55 1.85
CA SER B 767 -9.17 -5.70 3.28
C SER B 767 -8.09 -6.70 3.65
N LEU B 768 -7.70 -7.59 2.73
CA LEU B 768 -6.63 -8.54 2.97
C LEU B 768 -5.53 -8.40 1.93
N ALA B 769 -5.32 -7.17 1.44
CA ALA B 769 -4.36 -6.90 0.39
C ALA B 769 -3.32 -5.90 0.86
N GLY B 770 -2.31 -5.68 0.03
CA GLY B 770 -1.23 -4.78 0.35
C GLY B 770 -0.25 -5.42 1.32
N GLY B 771 0.82 -4.69 1.59
CA GLY B 771 1.85 -5.25 2.44
C GLY B 771 2.45 -6.48 1.79
N THR B 772 2.63 -7.54 2.59
CA THR B 772 3.20 -8.75 2.06
C THR B 772 2.21 -9.58 1.26
N SER B 773 0.94 -9.18 1.22
CA SER B 773 -0.09 -9.88 0.47
C SER B 773 -0.14 -9.37 -0.96
N GLN B 774 -1.10 -9.84 -1.74
CA GLN B 774 -1.24 -9.45 -3.14
C GLN B 774 -1.81 -8.03 -3.27
N PRO B 775 -1.64 -7.40 -4.42
CA PRO B 775 -2.30 -6.12 -4.66
C PRO B 775 -3.81 -6.26 -4.65
N SER B 776 -4.49 -5.18 -4.27
CA SER B 776 -5.94 -5.21 -4.11
C SER B 776 -6.65 -5.35 -5.45
N MET B 777 -7.70 -6.18 -5.45
CA MET B 777 -8.52 -6.39 -6.64
C MET B 777 -9.28 -5.12 -7.04
N GLN B 778 -9.87 -4.43 -6.06
CA GLN B 778 -10.54 -3.16 -6.35
C GLN B 778 -9.56 -2.12 -6.86
N SER B 779 -8.39 -2.06 -6.22
CA SER B 779 -7.35 -1.13 -6.66
C SER B 779 -6.91 -1.42 -8.08
N ILE B 780 -6.72 -2.70 -8.42
CA ILE B 780 -6.27 -3.03 -9.77
C ILE B 780 -7.36 -2.69 -10.78
N TYR B 781 -8.63 -2.80 -10.39
CA TYR B 781 -9.70 -2.38 -11.30
C TYR B 781 -9.59 -0.89 -11.60
N TYR B 782 -9.47 -0.07 -10.56
CA TYR B 782 -9.46 1.36 -10.82
C TYR B 782 -8.15 1.82 -11.46
N ALA B 783 -7.08 1.05 -11.29
CA ALA B 783 -5.82 1.38 -11.97
C ALA B 783 -5.97 1.31 -13.48
N LEU B 784 -6.67 0.29 -13.98
CA LEU B 784 -6.76 0.02 -15.41
C LEU B 784 -8.05 0.52 -16.03
N GLU B 785 -8.82 1.34 -15.32
CA GLU B 785 -10.23 1.54 -15.67
C GLU B 785 -10.40 2.12 -17.07
N HIS B 786 -9.60 3.12 -17.43
CA HIS B 786 -9.77 3.77 -18.74
C HIS B 786 -8.58 3.53 -19.66
N GLY B 787 -7.78 2.50 -19.37
CA GLY B 787 -6.71 2.14 -20.26
C GLY B 787 -7.17 1.23 -21.38
N PRO B 788 -6.21 0.81 -22.20
CA PRO B 788 -6.55 -0.11 -23.29
C PRO B 788 -7.16 -1.42 -22.83
N ARG B 789 -6.70 -1.97 -21.70
CA ARG B 789 -7.19 -3.24 -21.18
C ARG B 789 -7.78 -3.02 -19.80
N HIS B 790 -9.00 -3.50 -19.60
CA HIS B 790 -9.63 -3.40 -18.30
C HIS B 790 -9.41 -4.69 -17.50
N ALA B 791 -9.67 -4.60 -16.21
CA ALA B 791 -9.74 -5.79 -15.37
C ALA B 791 -11.15 -6.33 -15.41
N SER B 792 -11.27 -7.64 -15.66
CA SER B 792 -12.57 -8.29 -15.73
C SER B 792 -13.04 -8.59 -14.31
N ILE B 793 -13.90 -7.72 -13.79
CA ILE B 793 -14.44 -7.89 -12.44
C ILE B 793 -15.62 -6.94 -12.25
N ASN B 794 -16.61 -7.37 -11.47
CA ASN B 794 -17.66 -6.47 -11.01
C ASN B 794 -17.14 -5.77 -9.76
N VAL B 795 -16.62 -4.56 -9.94
CA VAL B 795 -15.93 -3.88 -8.85
C VAL B 795 -16.90 -3.44 -7.76
N LYS B 796 -18.14 -3.11 -8.10
CA LYS B 796 -19.12 -2.79 -7.07
C LYS B 796 -19.37 -3.98 -6.17
N ASN B 797 -19.57 -5.15 -6.77
CA ASN B 797 -19.76 -6.36 -5.98
C ASN B 797 -18.52 -6.67 -5.16
N ALA B 798 -17.33 -6.50 -5.75
CA ALA B 798 -16.10 -6.75 -5.00
C ALA B 798 -16.00 -5.83 -3.79
N GLU B 799 -16.34 -4.55 -3.97
CA GLU B 799 -16.34 -3.62 -2.84
C GLU B 799 -17.37 -4.00 -1.79
N GLN B 800 -18.48 -4.62 -2.20
CA GLN B 800 -19.42 -5.13 -1.21
C GLN B 800 -18.85 -6.32 -0.44
N ILE B 801 -18.21 -7.25 -1.15
CA ILE B 801 -17.59 -8.41 -0.51
C ILE B 801 -16.52 -7.96 0.48
N ASP B 802 -15.79 -6.90 0.13
CA ASP B 802 -14.69 -6.47 0.97
C ASP B 802 -15.16 -6.00 2.33
N HIS B 803 -16.41 -5.53 2.46
CA HIS B 803 -16.91 -5.17 3.77
C HIS B 803 -16.96 -6.38 4.70
N TYR B 804 -17.44 -7.51 4.19
CA TYR B 804 -17.43 -8.74 4.98
C TYR B 804 -16.01 -9.13 5.35
N TRP B 805 -15.10 -9.08 4.37
CA TRP B 805 -13.73 -9.49 4.68
C TRP B 805 -13.11 -8.57 5.72
N GLU B 806 -13.38 -7.28 5.62
CA GLU B 806 -12.91 -6.32 6.62
C GLU B 806 -13.45 -6.65 8.00
N ASP B 807 -14.74 -7.01 8.08
CA ASP B 807 -15.31 -7.34 9.37
C ASP B 807 -14.68 -8.59 9.96
N VAL B 808 -14.52 -9.64 9.16
CA VAL B 808 -14.01 -10.88 9.73
C VAL B 808 -12.52 -10.81 10.02
N ARG B 809 -11.78 -9.90 9.39
CA ARG B 809 -10.37 -9.77 9.73
C ARG B 809 -10.18 -9.38 11.19
N LYS B 810 -11.14 -8.65 11.77
CA LYS B 810 -11.01 -8.25 13.16
C LYS B 810 -10.97 -9.42 14.13
N TYR B 811 -11.55 -10.56 13.76
CA TYR B 811 -11.46 -11.73 14.61
C TYR B 811 -10.04 -12.23 14.76
N TYR B 812 -9.16 -11.90 13.81
CA TYR B 812 -7.82 -12.48 13.75
C TYR B 812 -6.76 -11.52 14.25
N ALA B 813 -7.14 -10.60 15.13
CA ALA B 813 -6.18 -9.66 15.71
C ALA B 813 -4.96 -10.33 16.34
N PRO B 814 -5.08 -11.43 17.09
CA PRO B 814 -3.88 -12.03 17.67
C PRO B 814 -2.86 -12.50 16.66
N PHE B 815 -3.24 -12.68 15.40
CA PHE B 815 -2.33 -13.15 14.37
C PHE B 815 -1.81 -12.05 13.46
N GLU B 816 -2.16 -10.79 13.74
CA GLU B 816 -1.74 -9.70 12.89
C GLU B 816 -0.24 -9.45 13.01
N ALA B 817 0.38 -9.07 11.89
CA ALA B 817 1.80 -8.79 11.89
C ALA B 817 2.12 -7.47 12.58
N GLY B 818 1.32 -6.43 12.34
CA GLY B 818 1.57 -5.14 12.95
C GLY B 818 1.52 -3.99 11.96
N ILE B 819 2.12 -2.87 12.31
CA ILE B 819 2.15 -1.71 11.41
C ILE B 819 2.89 -2.12 10.14
N THR B 820 2.21 -1.97 9.00
CA THR B 820 2.75 -2.40 7.73
C THR B 820 2.97 -1.19 6.84
N SER B 821 4.20 -1.02 6.38
CA SER B 821 4.60 0.01 5.45
C SER B 821 5.23 -0.66 4.24
N PRO B 822 5.23 0.00 3.08
CA PRO B 822 5.99 -0.53 1.94
C PRO B 822 7.45 -0.69 2.33
N GLN B 823 8.06 -1.76 1.85
CA GLN B 823 9.40 -2.15 2.28
C GLN B 823 10.21 -2.49 1.04
N THR B 824 11.05 -1.57 0.60
CA THR B 824 11.91 -1.80 -0.57
C THR B 824 13.16 -2.58 -0.23
N GLU B 825 13.42 -2.85 1.04
CA GLU B 825 14.56 -3.70 1.40
C GLU B 825 14.36 -5.14 0.97
N VAL B 826 13.14 -5.52 0.58
CA VAL B 826 12.92 -6.83 -0.02
C VAL B 826 13.73 -6.97 -1.30
N TYR B 827 14.02 -5.86 -1.97
CA TYR B 827 14.87 -5.94 -3.15
C TYR B 827 16.29 -6.35 -2.79
N MET B 828 16.75 -6.01 -1.58
CA MET B 828 18.08 -6.46 -1.15
C MET B 828 18.03 -7.87 -0.60
N HIS B 829 17.33 -8.07 0.52
CA HIS B 829 17.07 -9.41 1.01
C HIS B 829 15.81 -9.92 0.34
N GLU B 830 15.92 -11.03 -0.37
CA GLU B 830 14.81 -11.48 -1.20
C GLU B 830 13.90 -12.44 -0.45
N MET B 831 13.72 -12.17 0.83
CA MET B 831 12.87 -12.99 1.67
C MET B 831 11.43 -12.94 1.17
N PRO B 832 10.79 -14.08 1.00
CA PRO B 832 9.32 -14.08 0.89
C PRO B 832 8.72 -13.69 2.23
N GLY B 833 7.48 -13.20 2.17
CA GLY B 833 6.85 -12.70 3.39
C GLY B 833 6.78 -13.74 4.49
N GLY B 834 6.38 -14.97 4.14
CA GLY B 834 6.31 -16.02 5.14
C GLY B 834 7.66 -16.30 5.77
N GLN B 835 8.70 -16.38 4.94
CA GLN B 835 10.05 -16.51 5.45
C GLN B 835 10.41 -15.35 6.37
N TYR B 836 9.98 -14.14 6.01
CA TYR B 836 10.27 -12.97 6.84
C TYR B 836 9.66 -13.10 8.22
N THR B 837 8.36 -13.39 8.28
CA THR B 837 7.69 -13.50 9.58
C THR B 837 8.25 -14.65 10.41
N ASN B 838 8.44 -15.81 9.79
CA ASN B 838 8.93 -16.95 10.55
C ASN B 838 10.35 -16.72 11.03
N LEU B 839 11.18 -16.09 10.21
CA LEU B 839 12.54 -15.78 10.63
C LEU B 839 12.54 -14.79 11.79
N LYS B 840 11.65 -13.80 11.74
CA LYS B 840 11.53 -12.87 12.86
C LYS B 840 11.14 -13.60 14.13
N SER B 841 10.14 -14.49 14.02
CA SER B 841 9.68 -15.23 15.19
C SER B 841 10.79 -16.09 15.76
N GLN B 842 11.54 -16.79 14.91
CA GLN B 842 12.61 -17.64 15.38
C GLN B 842 13.73 -16.83 16.02
N ALA B 843 14.06 -15.69 15.43
CA ALA B 843 15.10 -14.84 16.01
C ALA B 843 14.68 -14.34 17.38
N ALA B 844 13.40 -13.97 17.53
CA ALA B 844 12.90 -13.59 18.85
C ALA B 844 12.98 -14.76 19.83
N ALA B 845 12.64 -15.97 19.37
CA ALA B 845 12.61 -17.13 20.25
C ALA B 845 14.00 -17.58 20.68
N VAL B 846 15.06 -16.96 20.15
CA VAL B 846 16.42 -17.28 20.56
C VAL B 846 17.15 -16.02 21.00
N GLY B 847 16.40 -14.94 21.20
CA GLY B 847 16.96 -13.72 21.72
C GLY B 847 17.93 -13.01 20.79
N LEU B 848 17.52 -12.80 19.54
CA LEU B 848 18.34 -12.08 18.58
C LEU B 848 17.55 -10.97 17.87
N GLY B 849 16.32 -10.70 18.32
CA GLY B 849 15.45 -9.75 17.62
C GLY B 849 16.02 -8.35 17.50
N HIS B 850 16.89 -7.94 18.43
CA HIS B 850 17.46 -6.60 18.37
C HIS B 850 18.45 -6.43 17.23
N ARG B 851 18.91 -7.52 16.61
CA ARG B 851 19.82 -7.43 15.48
C ARG B 851 19.23 -8.11 14.25
N PHE B 852 17.91 -8.00 14.07
CA PHE B 852 17.27 -8.53 12.87
C PHE B 852 17.79 -7.86 11.61
N ASP B 853 18.32 -6.64 11.70
CA ASP B 853 18.90 -5.99 10.53
C ASP B 853 20.09 -6.77 10.00
N GLU B 854 21.05 -7.07 10.88
CA GLU B 854 22.18 -7.88 10.45
C GLU B 854 21.77 -9.32 10.22
N ILE B 855 20.67 -9.77 10.81
CA ILE B 855 20.12 -11.08 10.45
C ILE B 855 19.70 -11.10 8.99
N LYS B 856 19.02 -10.05 8.54
CA LYS B 856 18.61 -9.99 7.14
C LYS B 856 19.80 -9.81 6.22
N GLN B 857 20.80 -9.05 6.67
CA GLN B 857 22.03 -8.94 5.88
C GLN B 857 22.72 -10.30 5.78
N MET B 858 22.69 -11.08 6.86
CA MET B 858 23.21 -12.43 6.83
C MET B 858 22.40 -13.30 5.88
N TYR B 859 21.09 -13.10 5.84
CA TYR B 859 20.25 -13.83 4.89
C TYR B 859 20.68 -13.55 3.46
N ARG B 860 20.90 -12.27 3.15
CA ARG B 860 21.37 -11.91 1.81
C ARG B 860 22.72 -12.53 1.50
N LYS B 861 23.65 -12.46 2.46
CA LYS B 861 24.98 -13.02 2.24
C LYS B 861 24.94 -14.53 2.14
N VAL B 862 24.08 -15.19 2.92
CA VAL B 862 23.94 -16.64 2.84
C VAL B 862 23.39 -17.04 1.48
N ASN B 863 22.43 -16.27 0.96
CA ASN B 863 21.93 -16.54 -0.38
C ASN B 863 23.04 -16.41 -1.40
N MET B 864 23.85 -15.36 -1.30
CA MET B 864 24.94 -15.19 -2.25
C MET B 864 26.00 -16.29 -2.10
N MET B 865 26.17 -16.80 -0.88
CA MET B 865 27.16 -17.84 -0.63
C MET B 865 26.70 -19.20 -1.16
N PHE B 866 25.42 -19.52 -1.00
CA PHE B 866 24.87 -20.76 -1.56
C PHE B 866 24.88 -20.75 -3.08
N GLY B 867 25.13 -19.61 -3.69
CA GLY B 867 25.16 -19.50 -5.12
C GLY B 867 24.04 -18.70 -5.74
N ASP B 868 23.41 -17.79 -4.99
CA ASP B 868 22.30 -16.98 -5.48
C ASP B 868 21.15 -17.87 -5.95
N ILE B 869 20.52 -18.52 -4.98
CA ILE B 869 19.52 -19.53 -5.26
C ILE B 869 18.14 -18.89 -5.25
N ILE B 870 17.20 -19.55 -5.92
CA ILE B 870 15.79 -19.15 -5.85
C ILE B 870 15.28 -19.45 -4.45
N LYS B 871 14.76 -18.42 -3.78
CA LYS B 871 14.36 -18.53 -2.40
C LYS B 871 12.83 -18.54 -2.33
N VAL B 872 12.27 -19.75 -2.24
CA VAL B 872 10.84 -19.94 -2.06
C VAL B 872 10.68 -21.27 -1.33
N THR B 873 9.50 -21.50 -0.77
CA THR B 873 9.30 -22.70 0.04
C THR B 873 9.55 -23.95 -0.80
N PRO B 874 10.36 -24.91 -0.30
CA PRO B 874 11.07 -24.89 0.98
C PRO B 874 12.50 -24.36 0.89
N SER B 875 12.93 -23.90 -0.28
CA SER B 875 14.31 -23.45 -0.43
C SER B 875 14.61 -22.22 0.41
N SER B 876 13.63 -21.34 0.61
CA SER B 876 13.83 -20.15 1.43
C SER B 876 14.09 -20.53 2.88
N LYS B 877 13.50 -21.64 3.34
CA LYS B 877 13.76 -22.12 4.69
C LYS B 877 15.23 -22.45 4.90
N VAL B 878 15.88 -23.00 3.87
CA VAL B 878 17.29 -23.35 3.98
C VAL B 878 18.13 -22.12 4.23
N VAL B 879 17.91 -21.07 3.44
CA VAL B 879 18.66 -19.84 3.60
C VAL B 879 18.37 -19.21 4.96
N GLY B 880 17.09 -19.21 5.37
CA GLY B 880 16.76 -18.65 6.67
C GLY B 880 17.46 -19.38 7.80
N ASP B 881 17.46 -20.71 7.76
CA ASP B 881 18.10 -21.49 8.80
C ASP B 881 19.60 -21.26 8.82
N MET B 882 20.22 -21.19 7.64
CA MET B 882 21.66 -20.95 7.60
C MET B 882 22.01 -19.58 8.15
N ALA B 883 21.23 -18.55 7.81
CA ALA B 883 21.49 -17.21 8.32
C ALA B 883 21.32 -17.16 9.83
N LEU B 884 20.26 -17.79 10.34
CA LEU B 884 20.07 -17.90 11.78
C LEU B 884 21.26 -18.59 12.44
N PHE B 885 21.72 -19.68 11.85
CA PHE B 885 22.85 -20.41 12.39
C PHE B 885 24.10 -19.54 12.43
N MET B 886 24.36 -18.81 11.35
CA MET B 886 25.59 -18.03 11.28
C MET B 886 25.59 -16.83 12.20
N ILE B 887 24.45 -16.15 12.38
CA ILE B 887 24.41 -15.07 13.36
C ILE B 887 24.45 -15.64 14.78
N GLN B 888 23.75 -16.74 15.02
CA GLN B 888 23.58 -17.24 16.38
C GLN B 888 24.90 -17.72 16.97
N ASN B 889 25.78 -18.27 16.15
CA ASN B 889 27.09 -18.72 16.60
C ASN B 889 28.21 -17.85 16.05
N ASP B 890 27.86 -16.69 15.49
CA ASP B 890 28.82 -15.67 15.09
C ASP B 890 29.83 -16.20 14.06
N LEU B 891 29.32 -16.68 12.93
CA LEU B 891 30.17 -17.08 11.83
C LEU B 891 30.08 -16.08 10.69
N THR B 892 31.18 -15.94 9.96
CA THR B 892 31.19 -15.23 8.69
C THR B 892 31.36 -16.25 7.58
N GLU B 893 31.43 -15.75 6.34
CA GLU B 893 31.69 -16.66 5.22
C GLU B 893 33.04 -17.33 5.36
N GLU B 894 34.06 -16.56 5.78
CA GLU B 894 35.37 -17.16 6.01
C GLU B 894 35.33 -18.20 7.13
N ASP B 895 34.52 -17.96 8.16
CA ASP B 895 34.42 -18.92 9.26
C ASP B 895 33.96 -20.29 8.76
N VAL B 896 32.89 -20.32 7.97
CA VAL B 896 32.39 -21.59 7.48
C VAL B 896 33.30 -22.15 6.39
N TYR B 897 34.00 -21.27 5.67
CA TYR B 897 34.83 -21.75 4.57
C TYR B 897 36.16 -22.33 5.04
N ALA B 898 36.64 -21.91 6.20
CA ALA B 898 37.91 -22.39 6.72
C ALA B 898 37.73 -23.21 8.00
N ARG B 899 37.09 -22.65 9.02
CA ARG B 899 36.80 -23.36 10.25
C ARG B 899 35.58 -24.26 10.11
N GLY B 900 34.84 -24.13 9.00
CA GLY B 900 33.53 -24.78 8.89
C GLY B 900 33.57 -26.29 8.85
N ASN B 901 34.74 -26.89 8.73
CA ASN B 901 34.83 -28.34 8.60
C ASN B 901 34.60 -29.07 9.92
N GLU B 902 34.17 -28.35 10.96
CA GLU B 902 33.87 -29.00 12.23
C GLU B 902 32.52 -28.63 12.83
N LEU B 903 31.87 -27.56 12.37
CA LEU B 903 30.58 -27.22 12.94
C LEU B 903 29.47 -28.12 12.40
N ASN B 904 28.38 -28.18 13.16
CA ASN B 904 27.22 -28.98 12.83
C ASN B 904 26.19 -28.06 12.17
N PHE B 905 26.22 -28.01 10.84
CA PHE B 905 25.28 -27.17 10.11
C PHE B 905 23.85 -27.69 10.29
N PRO B 906 22.86 -26.80 10.23
CA PRO B 906 21.47 -27.23 10.44
C PRO B 906 21.04 -28.22 9.36
N GLU B 907 20.12 -29.09 9.74
CA GLU B 907 19.80 -30.25 8.91
C GLU B 907 19.17 -29.86 7.59
N SER B 908 18.35 -28.80 7.58
CA SER B 908 17.75 -28.36 6.31
C SER B 908 18.80 -27.88 5.34
N VAL B 909 19.84 -27.22 5.83
CA VAL B 909 20.98 -26.88 4.98
C VAL B 909 21.66 -28.14 4.48
N VAL B 910 21.85 -29.11 5.36
CA VAL B 910 22.43 -30.38 4.97
C VAL B 910 21.56 -31.05 3.92
N SER B 911 20.25 -31.12 4.17
CA SER B 911 19.35 -31.76 3.21
C SER B 911 19.39 -31.06 1.87
N PHE B 912 19.47 -29.73 1.86
CA PHE B 912 19.57 -29.00 0.61
C PHE B 912 20.86 -29.37 -0.12
N PHE B 913 21.97 -29.44 0.60
CA PHE B 913 23.24 -29.73 -0.07
C PHE B 913 23.41 -31.21 -0.42
N ARG B 914 22.57 -32.09 0.12
CA ARG B 914 22.56 -33.48 -0.30
C ARG B 914 21.73 -33.72 -1.54
N GLY B 915 21.13 -32.67 -2.11
CA GLY B 915 20.27 -32.82 -3.26
C GLY B 915 18.86 -33.25 -2.97
N ASP B 916 18.43 -33.20 -1.71
CA ASP B 916 17.06 -33.59 -1.38
C ASP B 916 16.03 -32.64 -1.94
N LEU B 917 16.36 -31.35 -2.06
CA LEU B 917 15.45 -30.38 -2.64
C LEU B 917 15.54 -30.34 -4.17
N GLY B 918 16.52 -31.01 -4.75
CA GLY B 918 16.76 -30.94 -6.18
C GLY B 918 18.09 -30.26 -6.47
N GLN B 919 18.29 -29.96 -7.74
CA GLN B 919 19.54 -29.41 -8.21
C GLN B 919 19.37 -27.94 -8.56
N PRO B 920 20.10 -27.04 -7.92
CA PRO B 920 19.97 -25.62 -8.24
C PRO B 920 20.55 -25.33 -9.62
N VAL B 921 20.08 -24.23 -10.19
CA VAL B 921 20.67 -23.75 -11.44
C VAL B 921 22.12 -23.38 -11.19
N GLY B 922 23.01 -23.89 -12.04
CA GLY B 922 24.43 -23.70 -11.86
C GLY B 922 25.07 -24.63 -10.86
N GLY B 923 24.31 -25.52 -10.23
CA GLY B 923 24.88 -26.48 -9.30
C GLY B 923 25.28 -25.84 -7.99
N PHE B 924 25.67 -26.71 -7.06
CA PHE B 924 26.13 -26.27 -5.75
C PHE B 924 27.56 -25.74 -5.84
N PRO B 925 27.97 -24.90 -4.88
CA PRO B 925 29.39 -24.55 -4.76
C PRO B 925 30.17 -25.74 -4.20
N GLU B 926 31.20 -26.16 -4.92
CA GLU B 926 31.84 -27.46 -4.65
C GLU B 926 32.42 -27.52 -3.25
N LYS B 927 33.25 -26.54 -2.88
CA LYS B 927 33.91 -26.58 -1.58
C LYS B 927 32.90 -26.53 -0.46
N LEU B 928 31.91 -25.63 -0.58
CA LEU B 928 30.93 -25.48 0.48
C LEU B 928 30.11 -26.75 0.66
N GLN B 929 29.74 -27.40 -0.44
CA GLN B 929 28.96 -28.62 -0.34
C GLN B 929 29.72 -29.70 0.43
N LYS B 930 31.00 -29.87 0.10
CA LYS B 930 31.83 -30.84 0.81
C LYS B 930 31.92 -30.50 2.28
N ILE B 931 32.14 -29.23 2.60
CA ILE B 931 32.20 -28.82 4.00
C ILE B 931 30.88 -29.07 4.70
N ILE B 932 29.76 -28.98 3.97
CA ILE B 932 28.45 -29.06 4.61
C ILE B 932 28.08 -30.50 4.90
N VAL B 933 28.07 -31.37 3.89
CA VAL B 933 27.61 -32.73 4.12
C VAL B 933 28.60 -33.52 4.96
N LYS B 934 29.89 -33.41 4.63
CA LYS B 934 31.03 -33.90 5.39
C LYS B 934 31.20 -35.41 5.41
N ASP B 935 30.13 -36.17 5.22
CA ASP B 935 30.28 -37.62 5.09
C ASP B 935 29.21 -38.25 4.23
N LYS B 936 28.11 -37.52 4.04
CA LYS B 936 26.85 -38.14 3.68
C LYS B 936 26.68 -38.22 2.17
N ALA B 937 25.76 -39.08 1.76
CA ALA B 937 25.53 -39.33 0.35
C ALA B 937 24.91 -38.11 -0.32
N VAL B 938 25.46 -37.72 -1.47
CA VAL B 938 24.98 -36.59 -2.24
C VAL B 938 24.44 -37.14 -3.55
N ILE B 939 23.18 -36.86 -3.84
CA ILE B 939 22.57 -37.30 -5.07
C ILE B 939 22.56 -36.13 -6.05
N THR B 940 22.54 -36.45 -7.34
CA THR B 940 22.53 -35.45 -8.39
C THR B 940 21.32 -35.57 -9.29
N ASP B 941 20.40 -36.48 -9.02
CA ASP B 941 19.22 -36.67 -9.84
C ASP B 941 17.98 -36.36 -9.01
N ARG B 942 16.83 -36.64 -9.59
CA ARG B 942 15.56 -36.36 -8.94
C ARG B 942 15.47 -37.11 -7.62
N PRO B 943 15.25 -36.43 -6.50
CA PRO B 943 15.17 -37.14 -5.21
C PRO B 943 14.05 -38.15 -5.17
N GLY B 944 13.00 -37.95 -5.95
CA GLY B 944 11.88 -38.87 -5.96
C GLY B 944 12.23 -40.24 -6.51
N LEU B 945 13.30 -40.35 -7.28
CA LEU B 945 13.76 -41.65 -7.75
C LEU B 945 14.20 -42.52 -6.58
N HIS B 946 14.85 -41.93 -5.58
CA HIS B 946 15.33 -42.66 -4.41
C HIS B 946 14.33 -42.64 -3.27
N ALA B 947 13.11 -42.16 -3.51
CA ALA B 947 12.10 -42.14 -2.46
C ALA B 947 11.68 -43.56 -2.13
N GLU B 948 11.58 -43.85 -0.83
CA GLU B 948 11.11 -45.15 -0.40
C GLU B 948 9.70 -45.40 -0.91
N LYS B 949 9.47 -46.61 -1.45
CA LYS B 949 8.19 -46.92 -2.07
C LYS B 949 7.07 -46.92 -1.03
N VAL B 950 5.88 -46.55 -1.48
CA VAL B 950 4.69 -46.51 -0.65
C VAL B 950 3.59 -47.28 -1.36
N ASP B 951 2.95 -48.19 -0.63
CA ASP B 951 1.81 -48.93 -1.13
C ASP B 951 0.57 -48.50 -0.35
N PHE B 952 -0.48 -48.13 -1.07
CA PHE B 952 -1.63 -47.51 -0.42
C PHE B 952 -2.47 -48.52 0.37
N GLU B 953 -2.41 -49.80 0.02
CA GLU B 953 -3.20 -50.78 0.73
C GLU B 953 -2.70 -50.99 2.16
N THR B 954 -1.38 -51.19 2.32
CA THR B 954 -0.84 -51.38 3.66
C THR B 954 -0.95 -50.10 4.47
N VAL B 955 -0.71 -48.95 3.84
CA VAL B 955 -0.88 -47.67 4.53
C VAL B 955 -2.32 -47.52 5.00
N LYS B 956 -3.28 -47.87 4.15
CA LYS B 956 -4.68 -47.73 4.50
C LYS B 956 -5.05 -48.65 5.67
N ALA B 957 -4.58 -49.89 5.64
CA ALA B 957 -4.87 -50.80 6.74
C ALA B 957 -4.25 -50.30 8.05
N ASP B 958 -3.00 -49.84 7.99
CA ASP B 958 -2.35 -49.34 9.20
C ASP B 958 -3.07 -48.11 9.75
N LEU B 959 -3.49 -47.21 8.86
CA LEU B 959 -4.24 -46.03 9.30
C LEU B 959 -5.56 -46.42 9.91
N GLU B 960 -6.27 -47.38 9.29
CA GLU B 960 -7.51 -47.89 9.87
C GLU B 960 -7.26 -48.46 11.26
N GLN B 961 -6.08 -49.02 11.49
CA GLN B 961 -5.76 -49.43 12.85
C GLN B 961 -5.56 -48.22 13.77
N LYS B 962 -4.79 -47.22 13.33
CA LYS B 962 -4.42 -46.13 14.21
C LYS B 962 -5.62 -45.26 14.56
N ILE B 963 -6.53 -45.07 13.62
CA ILE B 963 -7.76 -44.33 13.88
C ILE B 963 -8.90 -45.34 13.97
N GLY B 964 -10.07 -44.85 14.33
CA GLY B 964 -11.11 -45.80 14.66
C GLY B 964 -11.97 -46.28 13.52
N TYR B 965 -11.57 -46.09 12.27
CA TYR B 965 -12.47 -46.40 11.16
C TYR B 965 -11.65 -46.56 9.89
N GLU B 966 -12.33 -46.87 8.80
CA GLU B 966 -11.68 -47.04 7.50
C GLU B 966 -11.55 -45.69 6.81
N PRO B 967 -10.34 -45.27 6.45
CA PRO B 967 -10.17 -43.92 5.91
C PRO B 967 -10.52 -43.84 4.43
N GLY B 968 -10.97 -42.65 4.03
CA GLY B 968 -11.09 -42.35 2.62
C GLY B 968 -9.74 -42.13 2.00
N ASP B 969 -9.75 -42.02 0.66
CA ASP B 969 -8.50 -41.84 -0.06
C ASP B 969 -7.80 -40.55 0.35
N HIS B 970 -8.57 -39.48 0.56
CA HIS B 970 -7.98 -38.23 1.00
C HIS B 970 -7.31 -38.37 2.36
N GLU B 971 -7.90 -39.16 3.25
CA GLU B 971 -7.30 -39.34 4.57
C GLU B 971 -6.02 -40.15 4.48
N VAL B 972 -5.97 -41.15 3.60
CA VAL B 972 -4.74 -41.89 3.39
C VAL B 972 -3.66 -40.98 2.84
N ILE B 973 -4.02 -40.15 1.85
CA ILE B 973 -3.06 -39.23 1.26
C ILE B 973 -2.56 -38.23 2.29
N SER B 974 -3.45 -37.75 3.16
CA SER B 974 -3.04 -36.84 4.23
C SER B 974 -2.09 -37.54 5.20
N TYR B 975 -2.39 -38.80 5.54
CA TYR B 975 -1.53 -39.54 6.45
C TYR B 975 -0.14 -39.73 5.88
N ILE B 976 -0.06 -39.98 4.57
CA ILE B 976 1.25 -40.11 3.94
C ILE B 976 2.00 -38.79 3.96
N MET B 977 1.31 -37.69 3.64
CA MET B 977 2.00 -36.39 3.60
C MET B 977 2.44 -35.94 4.98
N TYR B 978 1.53 -35.95 5.94
CA TYR B 978 1.78 -35.42 7.28
C TYR B 978 1.36 -36.47 8.30
N PRO B 979 2.18 -37.49 8.53
CA PRO B 979 1.76 -38.59 9.40
C PRO B 979 1.42 -38.15 10.81
N GLN B 980 2.37 -37.55 11.52
CA GLN B 980 2.13 -37.17 12.90
C GLN B 980 1.08 -36.07 13.00
N VAL B 981 1.12 -35.10 12.08
CA VAL B 981 0.14 -34.03 12.11
C VAL B 981 -1.27 -34.56 11.94
N PHE B 982 -1.45 -35.51 11.01
CA PHE B 982 -2.76 -36.10 10.78
C PHE B 982 -3.24 -36.89 12.00
N LEU B 983 -2.34 -37.62 12.64
CA LEU B 983 -2.72 -38.39 13.82
C LEU B 983 -3.09 -37.48 14.99
N ASP B 984 -2.33 -36.40 15.18
CA ASP B 984 -2.68 -35.44 16.22
C ASP B 984 -4.01 -34.78 15.91
N TYR B 985 -4.28 -34.51 14.64
CA TYR B 985 -5.58 -33.99 14.26
C TYR B 985 -6.68 -34.99 14.58
N GLN B 986 -6.43 -36.28 14.35
CA GLN B 986 -7.42 -37.29 14.68
C GLN B 986 -7.66 -37.37 16.18
N LYS B 987 -6.59 -37.24 16.97
CA LYS B 987 -6.74 -37.19 18.42
C LYS B 987 -7.61 -36.02 18.84
N MET B 988 -7.33 -34.85 18.28
CA MET B 988 -8.13 -33.67 18.60
C MET B 988 -9.56 -33.83 18.12
N GLN B 989 -9.77 -34.53 17.00
CA GLN B 989 -11.14 -34.81 16.58
C GLN B 989 -11.87 -35.69 17.58
N ARG B 990 -11.21 -36.73 18.07
CA ARG B 990 -11.84 -37.62 19.03
C ARG B 990 -12.09 -36.92 20.35
N GLU B 991 -11.26 -35.93 20.68
CA GLU B 991 -11.39 -35.28 21.98
C GLU B 991 -12.35 -34.10 21.94
N PHE B 992 -12.17 -33.20 20.99
CA PHE B 992 -12.92 -31.94 20.94
C PHE B 992 -13.97 -31.90 19.85
N GLY B 993 -13.96 -32.81 18.90
CA GLY B 993 -14.94 -32.78 17.83
C GLY B 993 -14.62 -31.71 16.79
N ALA B 994 -15.63 -31.45 15.95
CA ALA B 994 -15.49 -30.53 14.83
C ALA B 994 -15.53 -29.09 15.33
N VAL B 995 -14.40 -28.64 15.86
CA VAL B 995 -14.29 -27.25 16.29
C VAL B 995 -14.38 -26.29 15.12
N THR B 996 -14.25 -26.78 13.89
CA THR B 996 -14.41 -25.93 12.71
C THR B 996 -15.78 -25.29 12.64
N LEU B 997 -16.78 -25.86 13.32
CA LEU B 997 -18.12 -25.31 13.28
C LEU B 997 -18.28 -24.10 14.18
N LEU B 998 -17.38 -23.92 15.15
CA LEU B 998 -17.46 -22.76 16.02
C LEU B 998 -17.13 -21.48 15.26
N ASP B 999 -17.78 -20.39 15.65
CA ASP B 999 -17.41 -19.09 15.12
C ASP B 999 -16.04 -18.69 15.64
N THR B 1000 -15.34 -17.87 14.87
CA THR B 1000 -14.00 -17.46 15.25
C THR B 1000 -14.03 -16.58 16.48
#